data_4FW4
#
_entry.id   4FW4
#
_cell.length_a   35.674
_cell.length_b   89.332
_cell.length_c   170.674
_cell.angle_alpha   90.000
_cell.angle_beta   90.000
_cell.angle_gamma   90.000
#
_symmetry.space_group_name_H-M   'P 1 21 1'
#
loop_
_entity.id
_entity.type
_entity.pdbx_description
1 polymer 'UDP-3-O-[3-hydroxymyristoyl] N-acetylglucosamine deacetylase'
2 non-polymer 'ZINC ION'
3 non-polymer N-[(1S,2R)-2-hydroxy-1-(hydroxycarbamoyl)propyl]-4-(4-phenylbuta-1,3-diyn-1-yl)benzamide
4 non-polymer GLYCEROL
5 non-polymer 'ACETATE ION'
6 water water
#
_entity_poly.entity_id   1
_entity_poly.type   'polypeptide(L)'
_entity_poly.pdbx_seq_one_letter_code
;SNAMIKQRTLKNIIRATGVGLHSGEKVYLTLKPAPVDTGIVFSRTDLDPVVEIPARAENVGETTMSTTLVKGDVKVDTVE
HLLSAMAGLGIDNAYVELSASEVPIMDGSAGPFVFLIQSAGLQEQEAAKKFIRIKREVSVEEGDKRAVFVPFDGFKVSFE
IDFDHPVFRGRTQQASVDFSSTSFVKEVSRARTFGFMRDIEYLRSQNLALGGSVENAIVVDENRVLNEDGLRYEDEFVKH
KILDAIGDLYLLGNSLIGEFRGFKSGHALNNQLLRTLIADKDAWEVVTFEDARTAPISYMRP
;
_entity_poly.pdbx_strand_id   A,B,C,D
#
loop_
_chem_comp.id
_chem_comp.type
_chem_comp.name
_chem_comp.formula
3P3 non-polymer N-[(1S,2R)-2-hydroxy-1-(hydroxycarbamoyl)propyl]-4-(4-phenylbuta-1,3-diyn-1-yl)benzamide 'C21 H18 N2 O4'
ACT non-polymer 'ACETATE ION' 'C2 H3 O2 -1'
GOL non-polymer GLYCEROL 'C3 H8 O3'
ZN non-polymer 'ZINC ION' 'Zn 2'
#
# COMPACT_ATOMS: atom_id res chain seq x y z
N ALA A 3 -16.06 52.73 11.58
CA ALA A 3 -15.86 51.30 11.44
C ALA A 3 -14.71 50.98 10.47
N MET A 4 -13.46 51.12 10.96
CA MET A 4 -12.30 50.80 10.11
C MET A 4 -12.06 49.30 10.07
N ILE A 5 -11.46 48.81 8.98
CA ILE A 5 -11.13 47.40 8.88
C ILE A 5 -9.84 47.25 9.68
N LYS A 6 -9.93 46.54 10.80
CA LYS A 6 -8.84 46.36 11.74
C LYS A 6 -8.10 45.09 11.55
N GLN A 7 -6.85 45.04 12.05
CA GLN A 7 -6.06 43.82 12.04
C GLN A 7 -6.65 42.85 13.03
N ARG A 8 -6.53 41.55 12.78
CA ARG A 8 -7.06 40.57 13.71
C ARG A 8 -6.03 39.56 14.12
N THR A 9 -6.20 39.08 15.35
CA THR A 9 -5.41 38.00 15.93
C THR A 9 -6.40 37.04 16.61
N LEU A 10 -5.89 36.08 17.37
CA LEU A 10 -6.74 35.14 18.12
C LEU A 10 -7.11 35.73 19.46
N LYS A 11 -8.28 35.37 19.97
CA LYS A 11 -8.75 35.85 21.27
C LYS A 11 -8.12 35.00 22.39
N ASN A 12 -7.91 33.71 22.12
CA ASN A 12 -7.33 32.77 23.07
C ASN A 12 -6.35 31.85 22.40
N ILE A 13 -5.51 31.20 23.21
CA ILE A 13 -4.58 30.17 22.73
C ILE A 13 -5.41 28.93 22.41
N ILE A 14 -5.06 28.20 21.35
CA ILE A 14 -5.76 26.95 21.11
C ILE A 14 -4.74 25.94 20.63
N ARG A 15 -4.94 24.69 21.07
CA ARG A 15 -4.02 23.60 20.81
C ARG A 15 -4.63 22.51 19.97
N ALA A 16 -3.79 21.78 19.23
CA ALA A 16 -4.22 20.65 18.42
C ALA A 16 -3.08 19.67 18.24
N THR A 17 -3.44 18.41 18.05
CA THR A 17 -2.49 17.31 17.83
C THR A 17 -2.80 16.66 16.50
N GLY A 18 -1.74 16.22 15.84
CA GLY A 18 -1.87 15.52 14.57
C GLY A 18 -0.58 14.87 14.14
N VAL A 19 -0.49 14.54 12.85
CA VAL A 19 0.68 13.94 12.23
C VAL A 19 1.02 14.70 10.94
N GLY A 20 2.31 14.81 10.64
CA GLY A 20 2.77 15.42 9.41
C GLY A 20 2.47 14.49 8.24
N LEU A 21 1.88 15.01 7.15
CA LEU A 21 1.53 14.18 5.98
C LEU A 21 2.76 13.44 5.44
N HIS A 22 3.88 14.15 5.29
CA HIS A 22 5.08 13.59 4.69
C HIS A 22 6.02 12.93 5.68
N SER A 23 6.21 13.49 6.86
CA SER A 23 7.12 12.92 7.85
C SER A 23 6.50 11.78 8.65
N GLY A 24 5.18 11.78 8.80
CA GLY A 24 4.47 10.81 9.62
C GLY A 24 4.71 10.99 11.11
N GLU A 25 5.35 12.11 11.52
CA GLU A 25 5.69 12.37 12.91
C GLU A 25 4.55 13.02 13.64
N LYS A 26 4.32 12.60 14.90
CA LYS A 26 3.31 13.21 15.75
C LYS A 26 3.75 14.64 16.05
N VAL A 27 2.81 15.60 15.99
CA VAL A 27 3.15 17.00 16.21
C VAL A 27 2.07 17.69 17.02
N TYR A 28 2.50 18.55 17.97
CA TYR A 28 1.62 19.39 18.75
C TYR A 28 1.65 20.77 18.15
N LEU A 29 0.47 21.32 17.85
CA LEU A 29 0.28 22.64 17.27
C LEU A 29 -0.31 23.58 18.31
N THR A 30 0.22 24.82 18.41
CA THR A 30 -0.35 25.83 19.29
C THR A 30 -0.48 27.12 18.50
N LEU A 31 -1.69 27.69 18.49
CA LEU A 31 -1.97 28.98 17.87
C LEU A 31 -2.08 29.98 18.98
N LYS A 32 -1.27 31.06 18.95
CA LYS A 32 -1.30 32.06 20.01
C LYS A 32 -1.55 33.46 19.47
N PRO A 33 -2.16 34.35 20.28
CA PRO A 33 -2.32 35.75 19.85
C PRO A 33 -0.98 36.43 19.64
N ALA A 34 -0.94 37.43 18.76
CA ALA A 34 0.30 38.15 18.48
C ALA A 34 0.03 39.63 18.31
N PRO A 35 1.01 40.51 18.64
CA PRO A 35 0.78 41.96 18.47
C PRO A 35 0.55 42.41 17.02
N VAL A 36 0.17 43.66 16.86
CA VAL A 36 -0.02 44.33 15.58
C VAL A 36 1.25 44.25 14.73
N ASP A 37 1.09 44.03 13.40
CA ASP A 37 2.17 43.96 12.41
C ASP A 37 3.20 42.84 12.64
N THR A 38 2.84 41.79 13.39
CA THR A 38 3.73 40.64 13.57
C THR A 38 3.67 39.74 12.34
N GLY A 39 2.49 39.64 11.73
CA GLY A 39 2.24 38.73 10.62
C GLY A 39 2.04 37.33 11.19
N ILE A 40 2.03 36.30 10.35
CA ILE A 40 1.95 34.92 10.83
C ILE A 40 3.40 34.48 11.03
N VAL A 41 3.76 34.04 12.24
CA VAL A 41 5.12 33.63 12.55
C VAL A 41 5.10 32.17 13.04
N PHE A 42 5.83 31.29 12.35
CA PHE A 42 5.95 29.89 12.75
C PHE A 42 7.08 29.78 13.75
N SER A 43 6.93 28.95 14.78
CA SER A 43 7.94 28.79 15.84
CA SER A 43 7.94 28.79 15.84
C SER A 43 8.20 27.31 16.14
N ARG A 44 9.47 26.88 16.06
CA ARG A 44 9.88 25.52 16.36
C ARG A 44 10.23 25.45 17.84
N THR A 45 9.23 25.15 18.70
CA THR A 45 9.39 25.11 20.15
C THR A 45 10.14 23.87 20.66
N ASP A 46 10.38 22.86 19.80
CA ASP A 46 11.16 21.68 20.17
C ASP A 46 12.67 21.97 20.18
N LEU A 47 13.10 23.05 19.50
CA LEU A 47 14.51 23.42 19.43
C LEU A 47 14.88 24.37 20.57
N ASP A 48 16.17 24.38 20.95
CA ASP A 48 16.73 25.23 22.00
C ASP A 48 17.98 25.94 21.44
N PRO A 49 17.95 27.26 21.16
CA PRO A 49 16.85 28.21 21.37
C PRO A 49 15.71 27.98 20.38
N VAL A 50 14.57 28.59 20.69
CA VAL A 50 13.37 28.52 19.85
C VAL A 50 13.65 29.31 18.59
N VAL A 51 13.39 28.71 17.42
CA VAL A 51 13.64 29.37 16.13
C VAL A 51 12.31 29.83 15.56
N GLU A 52 12.19 31.13 15.30
CA GLU A 52 10.99 31.75 14.72
C GLU A 52 11.19 31.94 13.22
N ILE A 53 10.15 31.68 12.41
CA ILE A 53 10.21 31.85 10.96
C ILE A 53 8.96 32.59 10.50
N PRO A 54 9.07 33.88 10.12
CA PRO A 54 7.90 34.59 9.58
C PRO A 54 7.36 33.90 8.32
N ALA A 55 6.02 33.82 8.17
CA ALA A 55 5.40 33.19 7.01
C ALA A 55 5.38 34.18 5.85
N ARG A 56 6.57 34.40 5.26
CA ARG A 56 6.76 35.35 4.17
C ARG A 56 7.44 34.67 2.99
N ALA A 57 7.16 35.16 1.77
CA ALA A 57 7.73 34.64 0.51
C ALA A 57 9.24 34.46 0.57
N GLU A 58 9.94 35.42 1.20
CA GLU A 58 11.40 35.41 1.35
C GLU A 58 11.96 34.24 2.18
N ASN A 59 11.12 33.52 2.95
CA ASN A 59 11.57 32.40 3.76
C ASN A 59 11.10 31.05 3.19
N VAL A 60 10.56 31.03 1.96
CA VAL A 60 10.13 29.78 1.34
C VAL A 60 11.36 28.99 0.87
N GLY A 61 11.42 27.73 1.28
CA GLY A 61 12.49 26.82 0.91
C GLY A 61 12.04 25.90 -0.20
N GLU A 62 12.10 24.59 0.02
CA GLU A 62 11.69 23.59 -0.98
C GLU A 62 10.16 23.66 -1.24
N THR A 63 9.77 23.66 -2.53
CA THR A 63 8.37 23.75 -2.96
C THR A 63 8.05 22.60 -3.92
N THR A 64 8.46 21.39 -3.58
CA THR A 64 8.20 20.22 -4.42
C THR A 64 6.81 19.68 -4.06
N MET A 65 6.67 19.03 -2.90
CA MET A 65 5.40 18.45 -2.48
C MET A 65 4.50 19.44 -1.79
N SER A 66 5.06 20.20 -0.84
CA SER A 66 4.32 21.18 -0.06
C SER A 66 5.15 22.43 0.09
N THR A 67 4.57 23.48 0.66
CA THR A 67 5.29 24.73 0.88
C THR A 67 6.02 24.61 2.20
N THR A 68 7.33 24.86 2.17
CA THR A 68 8.21 24.79 3.34
C THR A 68 8.77 26.15 3.62
N LEU A 69 8.78 26.53 4.90
CA LEU A 69 9.41 27.76 5.36
C LEU A 69 10.77 27.38 5.94
N VAL A 70 11.81 28.15 5.63
CA VAL A 70 13.16 27.84 6.11
C VAL A 70 13.83 29.10 6.68
N LYS A 71 14.69 28.89 7.67
CA LYS A 71 15.53 29.91 8.28
C LYS A 71 16.78 29.19 8.72
N GLY A 72 17.84 29.36 7.95
CA GLY A 72 19.10 28.65 8.16
C GLY A 72 18.89 27.22 7.68
N ASP A 73 19.05 26.24 8.57
CA ASP A 73 18.80 24.82 8.25
C ASP A 73 17.57 24.30 9.05
N VAL A 74 16.83 25.20 9.74
CA VAL A 74 15.61 24.84 10.45
C VAL A 74 14.45 24.98 9.47
N LYS A 75 13.57 23.99 9.43
CA LYS A 75 12.44 23.97 8.52
C LYS A 75 11.11 23.79 9.22
N VAL A 76 10.06 24.29 8.56
CA VAL A 76 8.66 24.10 8.91
C VAL A 76 7.97 23.67 7.61
N ASP A 77 7.58 22.39 7.49
CA ASP A 77 6.95 21.85 6.28
C ASP A 77 5.42 21.90 6.26
N THR A 78 4.85 22.02 5.05
CA THR A 78 3.41 21.95 4.75
C THR A 78 2.61 23.00 5.52
N VAL A 79 2.90 24.27 5.26
CA VAL A 79 2.21 25.37 5.95
C VAL A 79 0.93 25.85 5.22
N GLU A 80 0.74 25.47 3.95
CA GLU A 80 -0.32 26.01 3.09
C GLU A 80 -1.77 25.82 3.59
N HIS A 81 -2.14 24.67 4.17
CA HIS A 81 -3.55 24.48 4.58
C HIS A 81 -3.86 25.36 5.81
N LEU A 82 -2.89 25.50 6.73
CA LEU A 82 -3.07 26.37 7.88
C LEU A 82 -3.08 27.82 7.46
N LEU A 83 -2.17 28.23 6.56
CA LEU A 83 -2.13 29.59 6.06
C LEU A 83 -3.41 29.90 5.29
N SER A 84 -3.97 28.91 4.59
CA SER A 84 -5.22 29.09 3.87
C SER A 84 -6.37 29.41 4.85
N ALA A 85 -6.41 28.73 6.00
CA ALA A 85 -7.43 28.98 7.04
C ALA A 85 -7.27 30.38 7.62
N MET A 86 -6.02 30.82 7.87
CA MET A 86 -5.76 32.14 8.43
CA MET A 86 -5.72 32.15 8.42
C MET A 86 -6.17 33.24 7.44
N ALA A 87 -5.89 33.06 6.14
CA ALA A 87 -6.28 34.02 5.10
C ALA A 87 -7.81 34.08 4.96
N GLY A 88 -8.45 32.93 4.97
CA GLY A 88 -9.89 32.81 4.88
C GLY A 88 -10.67 33.47 6.00
N LEU A 89 -10.09 33.51 7.22
CA LEU A 89 -10.72 34.13 8.40
C LEU A 89 -10.16 35.53 8.73
N GLY A 90 -9.26 36.03 7.89
CA GLY A 90 -8.70 37.36 8.06
C GLY A 90 -7.74 37.53 9.22
N ILE A 91 -6.98 36.48 9.57
CA ILE A 91 -6.06 36.55 10.69
C ILE A 91 -4.78 37.21 10.21
N ASP A 92 -4.48 38.41 10.72
CA ASP A 92 -3.28 39.12 10.33
C ASP A 92 -2.10 38.70 11.14
N ASN A 93 -2.29 38.53 12.47
CA ASN A 93 -1.20 38.28 13.39
C ASN A 93 -1.43 37.05 14.22
N ALA A 94 -0.41 36.18 14.33
CA ALA A 94 -0.50 34.96 15.15
C ALA A 94 0.84 34.28 15.25
N TYR A 95 1.08 33.64 16.39
CA TYR A 95 2.26 32.80 16.56
C TYR A 95 1.80 31.37 16.39
N VAL A 96 2.44 30.61 15.50
CA VAL A 96 2.13 29.21 15.29
C VAL A 96 3.27 28.40 15.87
N GLU A 97 3.06 27.76 17.03
CA GLU A 97 4.10 26.94 17.63
C GLU A 97 3.96 25.50 17.18
N LEU A 98 5.10 24.82 16.94
CA LEU A 98 5.13 23.43 16.50
C LEU A 98 6.19 22.65 17.27
N SER A 99 5.84 21.46 17.75
CA SER A 99 6.78 20.57 18.44
C SER A 99 7.62 19.75 17.42
N ALA A 100 7.36 19.87 16.10
CA ALA A 100 8.11 19.14 15.08
C ALA A 100 8.19 19.97 13.79
N SER A 101 8.98 19.51 12.83
CA SER A 101 9.19 20.23 11.56
C SER A 101 7.96 20.31 10.64
N GLU A 102 6.88 19.55 10.86
CA GLU A 102 5.76 19.60 9.92
C GLU A 102 4.43 19.92 10.60
N VAL A 103 3.64 20.78 9.95
CA VAL A 103 2.30 21.15 10.40
C VAL A 103 1.41 19.88 10.32
N PRO A 104 0.56 19.60 11.31
CA PRO A 104 -0.29 18.40 11.21
C PRO A 104 -1.25 18.47 10.02
N ILE A 105 -1.45 17.35 9.31
CA ILE A 105 -2.32 17.31 8.14
C ILE A 105 -3.81 17.37 8.54
N MET A 106 -4.18 16.90 9.76
CA MET A 106 -5.57 16.87 10.25
C MET A 106 -6.39 15.96 9.31
N ASP A 107 -7.49 16.43 8.68
CA ASP A 107 -8.26 15.62 7.73
C ASP A 107 -7.88 15.93 6.25
N GLY A 108 -6.76 16.62 6.02
CA GLY A 108 -6.31 16.95 4.67
C GLY A 108 -6.81 18.26 4.12
N SER A 109 -7.72 18.94 4.86
CA SER A 109 -8.30 20.19 4.39
C SER A 109 -7.99 21.32 5.38
N ALA A 110 -8.71 22.45 5.28
CA ALA A 110 -8.58 23.58 6.20
C ALA A 110 -9.73 23.61 7.22
N GLY A 111 -10.67 22.67 7.13
CA GLY A 111 -11.84 22.62 8.01
C GLY A 111 -11.50 22.59 9.49
N PRO A 112 -10.65 21.65 9.94
CA PRO A 112 -10.31 21.59 11.36
C PRO A 112 -9.61 22.86 11.88
N PHE A 113 -8.76 23.52 11.07
CA PHE A 113 -8.10 24.75 11.49
C PHE A 113 -9.07 25.90 11.59
N VAL A 114 -9.93 26.03 10.58
CA VAL A 114 -10.97 27.06 10.53
C VAL A 114 -11.87 26.93 11.79
N PHE A 115 -12.27 25.69 12.13
CA PHE A 115 -13.09 25.42 13.30
C PHE A 115 -12.32 25.72 14.59
N LEU A 116 -11.03 25.33 14.70
CA LEU A 116 -10.23 25.60 15.91
C LEU A 116 -10.04 27.11 16.11
N ILE A 117 -9.74 27.84 15.03
CA ILE A 117 -9.55 29.29 15.11
C ILE A 117 -10.86 29.98 15.56
N GLN A 118 -12.00 29.61 14.95
CA GLN A 118 -13.30 30.21 15.30
C GLN A 118 -13.79 29.75 16.69
N SER A 119 -13.36 28.58 17.17
CA SER A 119 -13.73 28.11 18.52
C SER A 119 -13.06 28.99 19.58
N ALA A 120 -11.79 29.37 19.34
CA ALA A 120 -11.04 30.26 20.22
C ALA A 120 -11.57 31.68 20.14
N GLY A 121 -11.98 32.10 18.95
CA GLY A 121 -12.51 33.43 18.70
C GLY A 121 -11.45 34.35 18.16
N LEU A 122 -11.87 35.42 17.50
CA LEU A 122 -10.97 36.42 16.92
C LEU A 122 -11.02 37.70 17.72
N GLN A 123 -9.93 38.46 17.69
CA GLN A 123 -9.80 39.73 18.38
C GLN A 123 -9.39 40.79 17.39
N GLU A 124 -10.21 41.84 17.22
CA GLU A 124 -9.86 42.98 16.37
C GLU A 124 -8.84 43.80 17.15
N GLN A 125 -7.74 44.21 16.50
CA GLN A 125 -6.66 44.97 17.15
C GLN A 125 -6.78 46.46 16.81
N GLU A 126 -5.99 47.32 17.48
CA GLU A 126 -6.12 48.77 17.29
C GLU A 126 -5.10 49.31 16.28
N ALA A 127 -5.17 48.77 15.08
CA ALA A 127 -4.36 49.16 13.93
C ALA A 127 -5.08 48.75 12.68
N ALA A 128 -5.04 49.59 11.64
CA ALA A 128 -5.73 49.32 10.39
C ALA A 128 -5.18 48.09 9.67
N LYS A 129 -6.07 47.32 9.06
CA LYS A 129 -5.69 46.15 8.27
C LYS A 129 -5.08 46.63 6.98
N LYS A 130 -3.89 46.14 6.63
CA LYS A 130 -3.22 46.52 5.40
C LYS A 130 -3.48 45.50 4.31
N PHE A 131 -3.88 45.96 3.13
CA PHE A 131 -4.14 45.09 1.97
C PHE A 131 -3.15 45.35 0.88
N ILE A 132 -2.81 44.34 0.07
CA ILE A 132 -1.94 44.51 -1.10
C ILE A 132 -2.88 44.57 -2.29
N ARG A 133 -2.99 45.71 -2.95
CA ARG A 133 -3.89 45.84 -4.09
C ARG A 133 -3.12 45.65 -5.38
N ILE A 134 -3.60 44.76 -6.27
CA ILE A 134 -2.96 44.53 -7.57
C ILE A 134 -3.36 45.68 -8.51
N LYS A 135 -2.36 46.42 -9.02
CA LYS A 135 -2.53 47.57 -9.91
C LYS A 135 -2.30 47.20 -11.36
N ARG A 136 -1.35 46.27 -11.63
CA ARG A 136 -1.07 45.79 -12.98
C ARG A 136 -0.98 44.29 -12.99
N GLU A 137 -1.18 43.69 -14.17
CA GLU A 137 -1.09 42.25 -14.33
C GLU A 137 0.34 41.74 -14.20
N VAL A 138 0.51 40.64 -13.50
CA VAL A 138 1.79 39.95 -13.31
C VAL A 138 1.54 38.49 -13.60
N SER A 139 2.35 37.87 -14.45
CA SER A 139 2.23 36.47 -14.82
C SER A 139 3.58 35.78 -14.78
N VAL A 140 3.58 34.48 -14.47
CA VAL A 140 4.75 33.61 -14.53
C VAL A 140 4.32 32.34 -15.25
N GLU A 141 5.22 31.78 -16.03
CA GLU A 141 5.00 30.56 -16.79
C GLU A 141 6.18 29.63 -16.63
N GLU A 142 5.95 28.36 -16.87
CA GLU A 142 6.96 27.31 -16.82
C GLU A 142 6.34 26.12 -17.54
N GLY A 143 6.74 25.92 -18.79
CA GLY A 143 6.17 24.86 -19.62
C GLY A 143 4.73 25.20 -19.92
N ASP A 144 3.79 24.26 -19.66
CA ASP A 144 2.37 24.56 -19.88
C ASP A 144 1.69 25.07 -18.58
N LYS A 145 2.43 25.29 -17.48
CA LYS A 145 1.87 25.82 -16.22
C LYS A 145 1.84 27.35 -16.23
N ARG A 146 0.81 27.94 -15.61
CA ARG A 146 0.67 29.40 -15.56
C ARG A 146 -0.03 29.86 -14.28
N ALA A 147 0.47 30.95 -13.69
CA ALA A 147 -0.11 31.60 -12.50
C ALA A 147 -0.15 33.08 -12.81
N VAL A 148 -1.32 33.77 -12.66
CA VAL A 148 -1.47 35.18 -13.02
CA VAL A 148 -1.36 35.20 -12.97
C VAL A 148 -2.17 35.98 -11.93
N PHE A 149 -1.77 37.25 -11.74
CA PHE A 149 -2.46 38.19 -10.86
C PHE A 149 -3.13 39.18 -11.79
N VAL A 150 -4.40 39.50 -11.56
CA VAL A 150 -5.15 40.45 -12.39
C VAL A 150 -5.77 41.51 -11.48
N PRO A 151 -5.71 42.82 -11.82
CA PRO A 151 -6.42 43.81 -10.99
C PRO A 151 -7.92 43.46 -10.91
N PHE A 152 -8.49 43.51 -9.72
CA PHE A 152 -9.90 43.15 -9.50
C PHE A 152 -10.37 43.74 -8.19
N ASP A 153 -11.52 44.44 -8.20
CA ASP A 153 -12.04 45.09 -7.00
C ASP A 153 -12.74 44.06 -6.10
N GLY A 154 -11.93 43.30 -5.38
CA GLY A 154 -12.37 42.25 -4.48
C GLY A 154 -11.30 41.20 -4.36
N PHE A 155 -11.67 39.98 -4.04
CA PHE A 155 -10.74 38.88 -4.01
C PHE A 155 -11.37 37.69 -4.72
N LYS A 156 -10.75 37.22 -5.81
CA LYS A 156 -11.25 36.11 -6.61
C LYS A 156 -10.13 35.14 -6.95
N VAL A 157 -10.42 33.84 -6.92
CA VAL A 157 -9.44 32.81 -7.27
C VAL A 157 -10.06 31.89 -8.30
N SER A 158 -9.40 31.76 -9.46
CA SER A 158 -9.80 30.86 -10.51
C SER A 158 -8.71 29.82 -10.66
N PHE A 159 -9.11 28.57 -10.91
CA PHE A 159 -8.13 27.51 -11.06
C PHE A 159 -8.63 26.45 -12.02
N GLU A 160 -7.72 25.89 -12.81
CA GLU A 160 -8.01 24.80 -13.74
C GLU A 160 -6.91 23.73 -13.63
N ILE A 161 -7.34 22.47 -13.52
CA ILE A 161 -6.45 21.29 -13.45
C ILE A 161 -6.61 20.53 -14.75
N ASP A 162 -5.59 19.76 -15.14
CA ASP A 162 -5.62 19.02 -16.40
C ASP A 162 -5.07 17.61 -16.21
N PHE A 163 -5.94 16.68 -15.81
CA PHE A 163 -5.59 15.28 -15.63
C PHE A 163 -6.31 14.43 -16.67
N ASP A 164 -5.55 13.67 -17.47
CA ASP A 164 -6.09 12.78 -18.49
C ASP A 164 -6.38 11.50 -17.74
N HIS A 165 -7.56 11.45 -17.09
CA HIS A 165 -7.96 10.39 -16.18
C HIS A 165 -9.50 10.27 -16.09
N PRO A 166 -10.07 9.04 -15.98
CA PRO A 166 -11.54 8.89 -15.96
C PRO A 166 -12.32 9.64 -14.87
N VAL A 167 -11.73 9.96 -13.70
CA VAL A 167 -12.52 10.66 -12.66
C VAL A 167 -12.33 12.20 -12.80
N PHE A 168 -11.47 12.68 -13.72
CA PHE A 168 -11.21 14.11 -13.92
C PHE A 168 -11.68 14.60 -15.30
N ARG A 169 -13.00 14.66 -15.48
CA ARG A 169 -13.62 15.12 -16.74
C ARG A 169 -14.72 16.15 -16.46
N GLY A 170 -15.24 16.74 -17.53
CA GLY A 170 -16.34 17.71 -17.44
C GLY A 170 -15.95 19.05 -16.85
N ARG A 171 -16.96 19.79 -16.35
CA ARG A 171 -16.79 21.13 -15.78
C ARG A 171 -16.18 21.12 -14.35
N THR A 172 -15.97 19.95 -13.75
CA THR A 172 -15.36 19.83 -12.42
C THR A 172 -13.84 20.05 -12.45
N GLN A 173 -13.20 20.22 -13.65
CA GLN A 173 -11.75 20.44 -13.75
C GLN A 173 -11.40 21.95 -13.64
N GLN A 174 -12.41 22.85 -13.67
CA GLN A 174 -12.22 24.30 -13.54
C GLN A 174 -13.21 24.85 -12.51
N ALA A 175 -12.78 25.85 -11.73
CA ALA A 175 -13.67 26.52 -10.77
C ALA A 175 -13.19 27.93 -10.50
N SER A 176 -14.15 28.82 -10.27
CA SER A 176 -13.92 30.23 -9.94
C SER A 176 -14.67 30.55 -8.67
N VAL A 177 -13.99 31.13 -7.66
CA VAL A 177 -14.60 31.51 -6.40
C VAL A 177 -14.40 33.01 -6.18
N ASP A 178 -15.48 33.79 -6.20
CA ASP A 178 -15.52 35.22 -5.92
C ASP A 178 -15.94 35.33 -4.45
N PHE A 179 -15.01 35.70 -3.56
CA PHE A 179 -15.24 35.73 -2.11
C PHE A 179 -16.21 36.83 -1.60
N SER A 180 -16.66 37.77 -2.46
CA SER A 180 -17.68 38.75 -2.05
C SER A 180 -19.05 38.05 -1.95
N SER A 181 -19.33 37.12 -2.87
CA SER A 181 -20.58 36.36 -2.92
C SER A 181 -20.48 34.95 -2.33
N THR A 182 -19.26 34.37 -2.28
CA THR A 182 -19.05 32.99 -1.83
C THR A 182 -18.28 32.95 -0.50
N SER A 183 -18.59 31.93 0.33
CA SER A 183 -17.97 31.74 1.63
C SER A 183 -16.77 30.78 1.53
N PHE A 184 -15.59 31.21 2.03
CA PHE A 184 -14.40 30.34 2.09
C PHE A 184 -14.68 29.10 2.94
N VAL A 185 -15.29 29.30 4.10
CA VAL A 185 -15.61 28.23 5.05
C VAL A 185 -16.48 27.16 4.41
N LYS A 186 -17.61 27.56 3.84
CA LYS A 186 -18.59 26.63 3.30
C LYS A 186 -18.17 25.98 1.99
N GLU A 187 -17.63 26.76 1.05
CA GLU A 187 -17.34 26.23 -0.29
C GLU A 187 -15.89 25.80 -0.56
N VAL A 188 -14.90 26.22 0.24
CA VAL A 188 -13.51 25.86 -0.03
C VAL A 188 -12.80 25.14 1.14
N SER A 189 -12.99 25.59 2.40
CA SER A 189 -12.23 25.07 3.55
C SER A 189 -12.21 23.55 3.72
N ARG A 190 -13.30 22.84 3.38
CA ARG A 190 -13.38 21.40 3.59
C ARG A 190 -12.77 20.55 2.48
N ALA A 191 -12.24 21.19 1.40
CA ALA A 191 -11.63 20.48 0.27
C ALA A 191 -10.34 19.80 0.69
N ARG A 192 -10.29 18.46 0.63
CA ARG A 192 -9.11 17.72 1.08
C ARG A 192 -8.05 17.52 0.02
N THR A 193 -6.82 17.35 0.49
CA THR A 193 -5.68 17.06 -0.37
C THR A 193 -5.89 15.72 -1.05
N PHE A 194 -5.20 15.53 -2.17
CA PHE A 194 -5.36 14.32 -2.94
C PHE A 194 -4.08 13.90 -3.60
N GLY A 195 -4.03 12.62 -3.95
CA GLY A 195 -2.91 12.06 -4.70
C GLY A 195 -3.32 10.81 -5.46
N PHE A 196 -2.58 10.52 -6.53
CA PHE A 196 -2.78 9.33 -7.33
C PHE A 196 -1.96 8.23 -6.70
N MET A 197 -2.49 7.00 -6.67
CA MET A 197 -1.83 5.87 -6.01
C MET A 197 -0.41 5.62 -6.50
N ARG A 198 -0.13 5.67 -7.82
CA ARG A 198 1.24 5.44 -8.31
C ARG A 198 2.22 6.50 -7.79
N ASP A 199 1.78 7.78 -7.71
CA ASP A 199 2.60 8.86 -7.16
C ASP A 199 2.83 8.66 -5.66
N ILE A 200 1.79 8.24 -4.93
CA ILE A 200 1.84 8.00 -3.48
C ILE A 200 2.79 6.86 -3.20
N GLU A 201 2.75 5.80 -4.02
CA GLU A 201 3.66 4.68 -3.89
C GLU A 201 5.10 5.16 -4.12
N TYR A 202 5.33 6.02 -5.15
CA TYR A 202 6.66 6.56 -5.38
C TYR A 202 7.14 7.36 -4.18
N LEU A 203 6.30 8.28 -3.65
CA LEU A 203 6.69 9.11 -2.50
C LEU A 203 6.99 8.25 -1.26
N ARG A 204 6.15 7.22 -0.97
CA ARG A 204 6.41 6.33 0.16
C ARG A 204 7.76 5.58 -0.02
N SER A 205 8.15 5.26 -1.27
CA SER A 205 9.44 4.59 -1.52
C SER A 205 10.63 5.52 -1.22
N GLN A 206 10.42 6.86 -1.28
CA GLN A 206 11.42 7.89 -0.99
C GLN A 206 11.26 8.44 0.45
N ASN A 207 10.52 7.73 1.31
CA ASN A 207 10.27 8.08 2.70
C ASN A 207 9.53 9.43 2.81
N LEU A 208 8.53 9.62 1.93
CA LEU A 208 7.63 10.78 1.92
C LEU A 208 6.20 10.26 1.99
N ALA A 209 5.21 11.13 2.12
CA ALA A 209 3.80 10.73 2.29
C ALA A 209 3.59 9.67 3.41
N LEU A 210 4.46 9.64 4.45
CA LEU A 210 4.43 8.61 5.51
C LEU A 210 3.22 8.72 6.44
N GLY A 211 2.69 9.91 6.65
CA GLY A 211 1.51 10.11 7.46
C GLY A 211 0.21 10.04 6.67
N GLY A 212 0.31 9.86 5.35
CA GLY A 212 -0.83 9.79 4.45
C GLY A 212 -1.72 8.58 4.66
N SER A 213 -3.04 8.79 4.55
CA SER A 213 -4.05 7.73 4.69
C SER A 213 -5.38 8.20 4.12
N VAL A 214 -6.37 7.28 4.06
CA VAL A 214 -7.72 7.62 3.59
C VAL A 214 -8.42 8.61 4.55
N GLU A 215 -7.98 8.70 5.83
CA GLU A 215 -8.56 9.61 6.82
C GLU A 215 -8.05 11.06 6.67
N ASN A 216 -6.99 11.31 5.88
CA ASN A 216 -6.45 12.67 5.69
C ASN A 216 -6.13 13.00 4.20
N ALA A 217 -6.56 12.15 3.24
CA ALA A 217 -6.29 12.38 1.83
C ALA A 217 -7.23 11.60 0.94
N ILE A 218 -7.59 12.18 -0.22
CA ILE A 218 -8.40 11.49 -1.22
C ILE A 218 -7.41 10.70 -2.05
N VAL A 219 -7.58 9.39 -2.14
CA VAL A 219 -6.66 8.53 -2.89
C VAL A 219 -7.36 8.06 -4.13
N VAL A 220 -6.77 8.31 -5.29
CA VAL A 220 -7.33 7.92 -6.58
C VAL A 220 -6.41 6.90 -7.25
N ASP A 221 -6.94 5.77 -7.69
CA ASP A 221 -6.13 4.77 -8.41
C ASP A 221 -6.25 5.07 -9.93
N GLU A 222 -6.10 4.10 -10.82
CA GLU A 222 -6.20 4.35 -12.27
C GLU A 222 -7.64 4.68 -12.73
N ASN A 223 -8.68 4.26 -11.98
CA ASN A 223 -10.08 4.47 -12.41
C ASN A 223 -11.05 5.05 -11.37
N ARG A 224 -10.75 5.01 -10.06
CA ARG A 224 -11.69 5.50 -9.05
C ARG A 224 -11.04 6.10 -7.82
N VAL A 225 -11.90 6.74 -7.00
CA VAL A 225 -11.57 7.23 -5.67
C VAL A 225 -11.64 6.02 -4.76
N LEU A 226 -10.56 5.69 -4.05
CA LEU A 226 -10.55 4.54 -3.15
C LEU A 226 -11.30 4.81 -1.83
N ASN A 227 -11.40 6.11 -1.41
CA ASN A 227 -12.09 6.48 -0.16
C ASN A 227 -13.54 6.01 -0.15
N GLU A 228 -13.87 5.11 0.79
CA GLU A 228 -15.21 4.52 0.96
C GLU A 228 -16.32 5.57 1.02
N ASP A 229 -16.13 6.65 1.81
CA ASP A 229 -17.16 7.65 2.05
C ASP A 229 -17.34 8.68 0.92
N GLY A 230 -16.46 8.70 -0.08
CA GLY A 230 -16.61 9.58 -1.22
C GLY A 230 -16.09 11.00 -1.04
N LEU A 231 -16.62 11.91 -1.85
CA LEU A 231 -16.19 13.31 -1.88
C LEU A 231 -17.13 14.24 -1.10
N ARG A 232 -16.58 15.37 -0.66
CA ARG A 232 -17.31 16.42 0.07
C ARG A 232 -17.88 17.45 -0.89
N TYR A 233 -17.27 17.56 -2.06
CA TYR A 233 -17.72 18.44 -3.12
C TYR A 233 -17.60 17.70 -4.43
N GLU A 234 -18.49 17.97 -5.36
CA GLU A 234 -18.42 17.38 -6.69
C GLU A 234 -17.07 17.75 -7.37
N ASP A 235 -16.57 18.95 -7.11
CA ASP A 235 -15.30 19.45 -7.66
C ASP A 235 -14.26 19.65 -6.52
N GLU A 236 -14.16 18.66 -5.63
CA GLU A 236 -13.27 18.76 -4.46
C GLU A 236 -11.79 18.91 -4.81
N PHE A 237 -11.34 18.36 -5.94
CA PHE A 237 -9.92 18.39 -6.31
C PHE A 237 -9.48 19.81 -6.72
N VAL A 238 -10.22 20.46 -7.62
CA VAL A 238 -9.90 21.84 -8.04
C VAL A 238 -10.13 22.81 -6.83
N LYS A 239 -11.11 22.54 -5.96
CA LYS A 239 -11.33 23.36 -4.75
C LYS A 239 -10.14 23.26 -3.80
N HIS A 240 -9.48 22.08 -3.73
CA HIS A 240 -8.29 21.93 -2.90
C HIS A 240 -7.14 22.73 -3.49
N LYS A 241 -7.03 22.76 -4.83
CA LYS A 241 -6.00 23.58 -5.49
C LYS A 241 -6.26 25.06 -5.24
N ILE A 242 -7.53 25.48 -5.18
CA ILE A 242 -7.88 26.86 -4.84
C ILE A 242 -7.47 27.10 -3.39
N LEU A 243 -7.75 26.16 -2.48
CA LEU A 243 -7.35 26.23 -1.07
C LEU A 243 -5.84 26.39 -0.97
N ASP A 244 -5.07 25.57 -1.73
CA ASP A 244 -3.60 25.66 -1.72
C ASP A 244 -3.11 27.03 -2.17
N ALA A 245 -3.73 27.60 -3.21
CA ALA A 245 -3.34 28.90 -3.76
C ALA A 245 -3.58 30.00 -2.74
N ILE A 246 -4.73 30.00 -2.03
CA ILE A 246 -5.04 31.00 -1.01
C ILE A 246 -3.95 30.99 0.08
N GLY A 247 -3.54 29.80 0.50
CA GLY A 247 -2.50 29.60 1.51
C GLY A 247 -1.16 30.11 1.04
N ASP A 248 -0.75 29.72 -0.17
CA ASP A 248 0.52 30.16 -0.75
C ASP A 248 0.52 31.67 -0.97
N LEU A 249 -0.59 32.25 -1.44
CA LEU A 249 -0.71 33.69 -1.65
C LEU A 249 -0.59 34.49 -0.35
N TYR A 250 -0.97 33.88 0.78
CA TYR A 250 -0.89 34.54 2.08
C TYR A 250 0.55 34.72 2.55
N LEU A 251 1.53 34.09 1.86
CA LEU A 251 2.93 34.32 2.14
C LEU A 251 3.34 35.76 1.71
N LEU A 252 2.45 36.53 1.06
CA LEU A 252 2.71 37.94 0.78
C LEU A 252 2.78 38.76 2.10
N GLY A 253 2.11 38.28 3.15
CA GLY A 253 2.09 38.94 4.46
C GLY A 253 0.84 39.75 4.71
N ASN A 254 0.01 39.99 3.67
CA ASN A 254 -1.22 40.75 3.77
C ASN A 254 -2.26 40.22 2.81
N SER A 255 -3.54 40.49 3.10
CA SER A 255 -4.64 40.05 2.24
C SER A 255 -4.59 40.77 0.90
N LEU A 256 -4.94 40.05 -0.16
CA LEU A 256 -4.92 40.59 -1.53
C LEU A 256 -6.23 41.23 -1.94
N ILE A 257 -6.14 42.29 -2.74
CA ILE A 257 -7.27 42.91 -3.43
C ILE A 257 -6.92 42.66 -4.89
N GLY A 258 -7.45 41.60 -5.44
CA GLY A 258 -7.13 41.21 -6.79
C GLY A 258 -7.60 39.84 -7.16
N GLU A 259 -7.23 39.40 -8.33
CA GLU A 259 -7.64 38.11 -8.82
C GLU A 259 -6.45 37.25 -9.14
N PHE A 260 -6.52 35.96 -8.76
CA PHE A 260 -5.53 34.96 -9.09
C PHE A 260 -6.14 33.96 -10.05
N ARG A 261 -5.41 33.64 -11.11
CA ARG A 261 -5.79 32.60 -12.06
C ARG A 261 -4.63 31.64 -12.14
N GLY A 262 -4.90 30.36 -11.90
CA GLY A 262 -3.89 29.32 -11.96
C GLY A 262 -4.26 28.27 -12.98
N PHE A 263 -3.29 27.84 -13.78
CA PHE A 263 -3.48 26.77 -14.77
C PHE A 263 -2.39 25.75 -14.51
N LYS A 264 -2.77 24.61 -13.90
CA LYS A 264 -1.86 23.53 -13.50
C LYS A 264 -0.75 24.07 -12.59
N SER A 265 -1.03 25.16 -11.87
CA SER A 265 -0.05 25.79 -11.00
C SER A 265 0.11 24.97 -9.74
N GLY A 266 1.26 25.08 -9.13
CA GLY A 266 1.58 24.37 -7.90
C GLY A 266 2.28 25.29 -6.94
N HIS A 267 2.78 24.73 -5.84
CA HIS A 267 3.48 25.49 -4.80
C HIS A 267 4.69 26.24 -5.35
N ALA A 268 5.47 25.62 -6.25
CA ALA A 268 6.65 26.25 -6.86
C ALA A 268 6.30 27.46 -7.70
N LEU A 269 5.40 27.30 -8.68
CA LEU A 269 5.02 28.40 -9.56
C LEU A 269 4.27 29.51 -8.79
N ASN A 270 3.47 29.15 -7.77
CA ASN A 270 2.78 30.11 -6.90
C ASN A 270 3.78 31.01 -6.19
N ASN A 271 4.86 30.43 -5.63
CA ASN A 271 5.91 31.20 -4.99
C ASN A 271 6.64 32.09 -6.01
N GLN A 272 6.88 31.56 -7.23
CA GLN A 272 7.53 32.35 -8.29
C GLN A 272 6.65 33.56 -8.63
N LEU A 273 5.30 33.37 -8.67
CA LEU A 273 4.41 34.50 -8.94
C LEU A 273 4.53 35.55 -7.84
N LEU A 274 4.61 35.12 -6.56
CA LEU A 274 4.75 36.06 -5.45
C LEU A 274 6.03 36.86 -5.54
N ARG A 275 7.14 36.17 -5.83
CA ARG A 275 8.46 36.80 -5.93
C ARG A 275 8.51 37.84 -7.04
N THR A 276 7.86 37.57 -8.20
CA THR A 276 7.79 38.50 -9.33
C THR A 276 6.92 39.71 -8.97
N LEU A 277 5.77 39.48 -8.30
CA LEU A 277 4.89 40.57 -7.87
C LEU A 277 5.65 41.49 -6.93
N ILE A 278 6.25 40.93 -5.86
CA ILE A 278 7.01 41.68 -4.86
C ILE A 278 8.09 42.51 -5.55
N ALA A 279 8.80 41.91 -6.51
CA ALA A 279 9.86 42.63 -7.23
C ALA A 279 9.32 43.74 -8.15
N ASP A 280 8.14 43.54 -8.76
CA ASP A 280 7.55 44.55 -9.66
C ASP A 280 6.67 45.49 -8.82
N LYS A 281 7.30 46.45 -8.11
CA LYS A 281 6.60 47.36 -7.20
C LYS A 281 5.59 48.30 -7.90
N ASP A 282 5.65 48.50 -9.23
CA ASP A 282 4.63 49.27 -9.95
C ASP A 282 3.32 48.48 -10.12
N ALA A 283 3.35 47.16 -9.91
CA ALA A 283 2.16 46.32 -10.06
C ALA A 283 1.33 46.24 -8.79
N TRP A 284 1.74 46.85 -7.66
CA TRP A 284 0.93 46.79 -6.45
C TRP A 284 1.17 47.97 -5.50
N GLU A 285 0.28 48.12 -4.52
CA GLU A 285 0.35 49.15 -3.49
C GLU A 285 -0.31 48.66 -2.23
N VAL A 286 0.04 49.27 -1.10
CA VAL A 286 -0.55 48.95 0.20
C VAL A 286 -1.70 49.94 0.41
N VAL A 287 -2.86 49.43 0.84
CA VAL A 287 -4.05 50.25 1.10
C VAL A 287 -4.73 49.79 2.39
N THR A 288 -5.38 50.74 3.07
CA THR A 288 -6.14 50.49 4.31
C THR A 288 -7.54 51.06 4.12
N PHE A 289 -8.49 50.67 4.98
CA PHE A 289 -9.87 51.17 4.91
C PHE A 289 -10.32 51.69 6.26
N GLU A 290 -10.35 53.03 6.41
CA GLU A 290 -10.83 53.68 7.62
C GLU A 290 -12.36 53.57 7.71
N ASP A 291 -13.03 53.43 6.54
CA ASP A 291 -14.47 53.22 6.44
C ASP A 291 -14.68 51.88 5.72
N ALA A 292 -15.24 50.88 6.42
CA ALA A 292 -15.47 49.55 5.86
C ALA A 292 -16.50 49.56 4.72
N ARG A 293 -17.36 50.58 4.64
CA ARG A 293 -18.37 50.69 3.56
C ARG A 293 -17.70 50.90 2.18
N THR A 294 -16.51 51.52 2.13
CA THR A 294 -15.79 51.77 0.87
C THR A 294 -14.88 50.58 0.45
N ALA A 295 -14.74 49.55 1.31
CA ALA A 295 -13.87 48.40 1.04
C ALA A 295 -14.53 47.34 0.16
N PRO A 296 -13.79 46.69 -0.76
CA PRO A 296 -14.41 45.65 -1.60
C PRO A 296 -14.44 44.27 -0.94
N ILE A 297 -13.59 44.01 0.07
CA ILE A 297 -13.55 42.73 0.79
C ILE A 297 -14.25 42.92 2.14
N SER A 298 -14.91 41.87 2.61
CA SER A 298 -15.62 41.86 3.89
C SER A 298 -15.23 40.62 4.68
N TYR A 299 -15.19 40.75 6.01
CA TYR A 299 -14.85 39.64 6.90
C TYR A 299 -16.00 39.38 7.86
N MET A 300 -15.97 38.21 8.47
CA MET A 300 -17.00 37.78 9.41
C MET A 300 -16.75 38.43 10.75
N ARG A 301 -17.79 38.56 11.59
CA ARG A 301 -17.62 39.19 12.91
C ARG A 301 -16.52 38.47 13.72
N PRO A 302 -15.73 39.20 14.53
CA PRO A 302 -14.67 38.53 15.29
C PRO A 302 -15.23 37.64 16.42
N ALA B 3 19.92 -50.55 -14.64
CA ALA B 3 19.11 -49.49 -14.05
C ALA B 3 19.75 -48.12 -14.34
N MET B 4 19.74 -47.70 -15.62
CA MET B 4 20.34 -46.41 -15.99
C MET B 4 19.48 -45.25 -15.53
N ILE B 5 20.13 -44.08 -15.31
CA ILE B 5 19.39 -42.89 -14.94
C ILE B 5 18.83 -42.36 -16.25
N LYS B 6 17.51 -42.40 -16.38
CA LYS B 6 16.82 -42.04 -17.61
C LYS B 6 16.33 -40.63 -17.58
N GLN B 7 16.09 -40.07 -18.77
CA GLN B 7 15.49 -38.75 -18.89
C GLN B 7 14.06 -38.85 -18.44
N ARG B 8 13.49 -37.75 -17.94
CA ARG B 8 12.11 -37.77 -17.48
C ARG B 8 11.28 -36.67 -18.07
N THR B 9 9.99 -36.95 -18.20
CA THR B 9 8.99 -36.00 -18.64
C THR B 9 7.75 -36.25 -17.79
N LEU B 10 6.65 -35.57 -18.10
CA LEU B 10 5.40 -35.75 -17.39
C LEU B 10 4.66 -36.94 -17.96
N LYS B 11 3.86 -37.58 -17.12
CA LYS B 11 3.06 -38.73 -17.53
C LYS B 11 1.77 -38.23 -18.18
N ASN B 12 1.22 -37.13 -17.65
CA ASN B 12 -0.02 -36.53 -18.12
C ASN B 12 0.10 -35.03 -18.25
N ILE B 13 -0.84 -34.43 -18.97
CA ILE B 13 -0.96 -32.98 -19.09
C ILE B 13 -1.56 -32.48 -17.77
N ILE B 14 -1.13 -31.33 -17.28
CA ILE B 14 -1.75 -30.76 -16.07
C ILE B 14 -1.79 -29.25 -16.24
N ARG B 15 -2.87 -28.65 -15.71
CA ARG B 15 -3.15 -27.25 -15.88
C ARG B 15 -3.21 -26.51 -14.57
N ALA B 16 -2.89 -25.21 -14.60
CA ALA B 16 -2.98 -24.34 -13.44
C ALA B 16 -3.31 -22.92 -13.87
N THR B 17 -3.92 -22.16 -12.96
CA THR B 17 -4.28 -20.77 -13.17
C THR B 17 -3.68 -19.94 -12.06
N GLY B 18 -3.31 -18.73 -12.40
CA GLY B 18 -2.78 -17.78 -11.42
C GLY B 18 -2.62 -16.40 -12.02
N VAL B 19 -1.78 -15.58 -11.37
CA VAL B 19 -1.48 -14.23 -11.82
C VAL B 19 0.03 -14.03 -11.84
N GLY B 20 0.47 -13.18 -12.77
CA GLY B 20 1.88 -12.82 -12.87
C GLY B 20 2.20 -11.87 -11.74
N LEU B 21 3.29 -12.14 -11.01
CA LEU B 21 3.72 -11.30 -9.88
C LEU B 21 3.90 -9.85 -10.32
N HIS B 22 4.59 -9.62 -11.43
CA HIS B 22 4.90 -8.28 -11.89
C HIS B 22 3.83 -7.67 -12.78
N SER B 23 3.24 -8.45 -13.70
CA SER B 23 2.22 -7.93 -14.61
C SER B 23 0.84 -7.81 -13.97
N GLY B 24 0.54 -8.68 -13.00
CA GLY B 24 -0.77 -8.75 -12.38
C GLY B 24 -1.83 -9.32 -13.31
N GLU B 25 -1.42 -9.96 -14.41
CA GLU B 25 -2.32 -10.51 -15.42
C GLU B 25 -2.67 -11.93 -15.12
N LYS B 26 -3.94 -12.30 -15.37
CA LYS B 26 -4.40 -13.68 -15.21
C LYS B 26 -3.73 -14.52 -16.29
N VAL B 27 -3.24 -15.71 -15.92
CA VAL B 27 -2.56 -16.58 -16.86
C VAL B 27 -2.95 -18.03 -16.64
N TYR B 28 -3.07 -18.78 -17.75
CA TYR B 28 -3.33 -20.20 -17.76
C TYR B 28 -2.03 -20.88 -18.09
N LEU B 29 -1.63 -21.84 -17.27
CA LEU B 29 -0.40 -22.60 -17.41
C LEU B 29 -0.73 -24.05 -17.75
N THR B 30 -0.04 -24.63 -18.75
CA THR B 30 -0.19 -26.05 -19.11
C THR B 30 1.18 -26.68 -19.15
N LEU B 31 1.36 -27.80 -18.47
CA LEU B 31 2.59 -28.59 -18.49
C LEU B 31 2.30 -29.81 -19.32
N LYS B 32 3.06 -30.05 -20.40
CA LYS B 32 2.83 -31.20 -21.28
C LYS B 32 4.04 -32.10 -21.43
N PRO B 33 3.85 -33.42 -21.68
CA PRO B 33 4.99 -34.29 -21.96
C PRO B 33 5.72 -33.87 -23.23
N ALA B 34 7.03 -34.04 -23.28
CA ALA B 34 7.83 -33.67 -24.45
C ALA B 34 8.81 -34.78 -24.78
N PRO B 35 9.21 -34.95 -26.06
CA PRO B 35 10.15 -36.04 -26.40
C PRO B 35 11.54 -35.92 -25.75
N VAL B 36 12.34 -36.96 -25.95
CA VAL B 36 13.73 -37.04 -25.49
C VAL B 36 14.56 -35.87 -26.08
N ASP B 37 15.45 -35.28 -25.26
CA ASP B 37 16.37 -34.19 -25.62
C ASP B 37 15.68 -32.91 -26.11
N THR B 38 14.43 -32.66 -25.68
CA THR B 38 13.74 -31.42 -26.02
C THR B 38 14.12 -30.33 -24.99
N GLY B 39 14.31 -30.74 -23.73
CA GLY B 39 14.58 -29.80 -22.65
C GLY B 39 13.28 -29.14 -22.22
N ILE B 40 13.35 -28.10 -21.38
CA ILE B 40 12.16 -27.36 -20.97
C ILE B 40 11.95 -26.28 -22.03
N VAL B 41 10.78 -26.27 -22.66
CA VAL B 41 10.45 -25.31 -23.72
C VAL B 41 9.20 -24.56 -23.35
N PHE B 42 9.28 -23.23 -23.23
CA PHE B 42 8.11 -22.42 -22.94
C PHE B 42 7.42 -22.08 -24.26
N SER B 43 6.10 -21.95 -24.25
CA SER B 43 5.34 -21.63 -25.45
C SER B 43 4.28 -20.59 -25.16
N ARG B 44 4.22 -19.54 -25.99
CA ARG B 44 3.23 -18.48 -25.88
C ARG B 44 2.06 -18.85 -26.77
N THR B 45 1.06 -19.56 -26.20
CA THR B 45 -0.10 -20.07 -26.95
C THR B 45 -1.15 -18.99 -27.26
N ASP B 46 -1.07 -17.82 -26.59
CA ASP B 46 -1.96 -16.69 -26.88
C ASP B 46 -1.62 -16.01 -28.21
N LEU B 47 -0.37 -16.20 -28.70
CA LEU B 47 0.11 -15.60 -29.95
C LEU B 47 -0.13 -16.54 -31.12
N ASP B 48 -0.35 -15.96 -32.32
CA ASP B 48 -0.56 -16.69 -33.57
C ASP B 48 0.43 -16.17 -34.62
N PRO B 49 1.43 -16.97 -35.06
CA PRO B 49 1.72 -18.36 -34.68
C PRO B 49 2.25 -18.47 -33.26
N VAL B 50 2.22 -19.70 -32.73
CA VAL B 50 2.72 -19.98 -31.38
C VAL B 50 4.23 -19.81 -31.40
N VAL B 51 4.77 -19.12 -30.38
CA VAL B 51 6.21 -18.85 -30.25
C VAL B 51 6.77 -19.75 -29.16
N GLU B 52 7.74 -20.60 -29.52
CA GLU B 52 8.40 -21.51 -28.58
C GLU B 52 9.75 -20.93 -28.16
N ILE B 53 10.07 -21.02 -26.86
CA ILE B 53 11.33 -20.50 -26.34
C ILE B 53 12.00 -21.54 -25.45
N PRO B 54 13.09 -22.18 -25.92
CA PRO B 54 13.81 -23.12 -25.03
C PRO B 54 14.28 -22.42 -23.75
N ALA B 55 14.17 -23.11 -22.61
CA ALA B 55 14.63 -22.56 -21.34
C ALA B 55 16.13 -22.75 -21.23
N ARG B 56 16.89 -21.95 -21.99
CA ARG B 56 18.34 -22.04 -22.05
C ARG B 56 18.98 -20.68 -21.82
N ALA B 57 20.22 -20.67 -21.29
CA ALA B 57 21.01 -19.47 -20.97
C ALA B 57 21.02 -18.46 -22.11
N GLU B 58 21.19 -18.96 -23.34
CA GLU B 58 21.25 -18.18 -24.57
C GLU B 58 19.99 -17.35 -24.87
N ASN B 59 18.83 -17.73 -24.30
CA ASN B 59 17.58 -16.99 -24.53
C ASN B 59 17.20 -16.12 -23.32
N VAL B 60 18.10 -15.89 -22.37
CA VAL B 60 17.82 -15.02 -21.22
C VAL B 60 17.89 -13.57 -21.68
N GLY B 61 16.84 -12.81 -21.37
CA GLY B 61 16.77 -11.39 -21.68
C GLY B 61 17.01 -10.58 -20.42
N GLU B 62 15.99 -9.83 -19.97
CA GLU B 62 16.07 -8.99 -18.78
C GLU B 62 16.20 -9.84 -17.50
N THR B 63 17.11 -9.44 -16.60
CA THR B 63 17.37 -10.14 -15.34
C THR B 63 17.42 -9.15 -14.18
N THR B 64 16.48 -8.21 -14.14
CA THR B 64 16.43 -7.22 -13.07
C THR B 64 15.66 -7.86 -11.91
N MET B 65 14.32 -7.82 -11.93
CA MET B 65 13.53 -8.40 -10.84
C MET B 65 13.41 -9.93 -10.95
N SER B 66 13.25 -10.46 -12.16
CA SER B 66 13.07 -11.90 -12.37
C SER B 66 13.77 -12.34 -13.65
N THR B 67 13.91 -13.65 -13.82
CA THR B 67 14.54 -14.20 -15.02
C THR B 67 13.52 -14.24 -16.13
N THR B 68 13.85 -13.62 -17.26
CA THR B 68 12.99 -13.56 -18.43
C THR B 68 13.64 -14.27 -19.59
N LEU B 69 12.86 -15.07 -20.32
CA LEU B 69 13.30 -15.71 -21.55
C LEU B 69 12.82 -14.85 -22.70
N VAL B 70 13.62 -14.69 -23.76
CA VAL B 70 13.24 -13.86 -24.90
CA VAL B 70 13.26 -13.85 -24.91
C VAL B 70 13.58 -14.57 -26.22
N LYS B 71 12.77 -14.31 -27.25
CA LYS B 71 12.95 -14.84 -28.60
C LYS B 71 12.37 -13.77 -29.51
N GLY B 72 13.25 -12.96 -30.10
CA GLY B 72 12.82 -11.81 -30.89
C GLY B 72 12.33 -10.75 -29.93
N ASP B 73 11.07 -10.32 -30.08
CA ASP B 73 10.44 -9.36 -29.17
C ASP B 73 9.35 -10.04 -28.30
N VAL B 74 9.28 -11.39 -28.33
CA VAL B 74 8.34 -12.16 -27.52
C VAL B 74 9.07 -12.55 -26.25
N LYS B 75 8.38 -12.50 -25.09
CA LYS B 75 9.01 -12.84 -23.82
C LYS B 75 8.13 -13.71 -22.93
N VAL B 76 8.79 -14.38 -21.99
CA VAL B 76 8.19 -15.17 -20.92
C VAL B 76 8.90 -14.73 -19.63
N ASP B 77 8.20 -13.99 -18.74
CA ASP B 77 8.76 -13.49 -17.47
C ASP B 77 8.57 -14.44 -16.28
N THR B 78 9.51 -14.35 -15.32
CA THR B 78 9.51 -15.05 -14.03
C THR B 78 9.43 -16.57 -14.20
N VAL B 79 10.42 -17.14 -14.88
CA VAL B 79 10.48 -18.59 -15.10
C VAL B 79 11.19 -19.35 -13.96
N GLU B 80 11.95 -18.65 -13.09
CA GLU B 80 12.82 -19.29 -12.10
C GLU B 80 12.12 -20.23 -11.08
N HIS B 81 10.90 -19.93 -10.59
CA HIS B 81 10.30 -20.80 -9.57
C HIS B 81 9.79 -22.10 -10.19
N LEU B 82 9.28 -22.05 -11.44
CA LEU B 82 8.84 -23.24 -12.15
C LEU B 82 10.04 -24.08 -12.56
N LEU B 83 11.12 -23.42 -13.03
CA LEU B 83 12.33 -24.13 -13.40
C LEU B 83 13.00 -24.77 -12.18
N SER B 84 12.86 -24.13 -11.01
CA SER B 84 13.38 -24.70 -9.77
C SER B 84 12.66 -26.01 -9.45
N ALA B 85 11.32 -26.04 -9.65
CA ALA B 85 10.50 -27.24 -9.41
C ALA B 85 10.89 -28.38 -10.35
N MET B 86 11.11 -28.05 -11.65
CA MET B 86 11.49 -29.04 -12.66
CA MET B 86 11.51 -29.01 -12.69
C MET B 86 12.86 -29.63 -12.35
N ALA B 87 13.82 -28.80 -11.95
CA ALA B 87 15.17 -29.25 -11.57
C ALA B 87 15.10 -30.16 -10.33
N GLY B 88 14.33 -29.72 -9.34
CA GLY B 88 14.15 -30.45 -8.08
C GLY B 88 13.58 -31.84 -8.22
N LEU B 89 12.72 -32.08 -9.23
CA LEU B 89 12.08 -33.37 -9.49
C LEU B 89 12.74 -34.12 -10.67
N GLY B 90 13.77 -33.51 -11.27
CA GLY B 90 14.50 -34.14 -12.36
C GLY B 90 13.76 -34.20 -13.68
N ILE B 91 12.92 -33.20 -13.97
CA ILE B 91 12.17 -33.18 -15.24
C ILE B 91 13.13 -32.67 -16.32
N ASP B 92 13.49 -33.53 -17.27
CA ASP B 92 14.38 -33.15 -18.35
C ASP B 92 13.63 -32.50 -19.47
N ASN B 93 12.48 -33.05 -19.86
CA ASN B 93 11.73 -32.61 -21.03
C ASN B 93 10.30 -32.25 -20.71
N ALA B 94 9.87 -31.06 -21.15
CA ALA B 94 8.47 -30.62 -20.96
C ALA B 94 8.15 -29.42 -21.81
N TYR B 95 6.88 -29.31 -22.24
CA TYR B 95 6.40 -28.12 -22.90
C TYR B 95 5.62 -27.34 -21.86
N VAL B 96 5.96 -26.07 -21.66
CA VAL B 96 5.28 -25.19 -20.70
C VAL B 96 4.50 -24.15 -21.48
N GLU B 97 3.19 -24.37 -21.68
CA GLU B 97 2.37 -23.42 -22.42
C GLU B 97 1.85 -22.33 -21.48
N LEU B 98 1.81 -21.08 -21.97
CA LEU B 98 1.32 -19.93 -21.21
C LEU B 98 0.40 -19.06 -22.06
N SER B 99 -0.77 -18.68 -21.52
CA SER B 99 -1.71 -17.80 -22.21
C SER B 99 -1.29 -16.30 -22.10
N ALA B 100 -0.21 -15.98 -21.36
CA ALA B 100 0.27 -14.60 -21.21
C ALA B 100 1.80 -14.60 -21.05
N SER B 101 2.39 -13.41 -21.04
CA SER B 101 3.84 -13.22 -20.99
C SER B 101 4.52 -13.48 -19.63
N GLU B 102 3.81 -13.97 -18.59
CA GLU B 102 4.44 -14.21 -17.29
C GLU B 102 3.89 -15.47 -16.64
N VAL B 103 4.79 -16.29 -16.08
CA VAL B 103 4.42 -17.52 -15.37
C VAL B 103 3.62 -17.13 -14.11
N PRO B 104 2.54 -17.85 -13.75
CA PRO B 104 1.80 -17.47 -12.54
C PRO B 104 2.66 -17.60 -11.29
N ILE B 105 2.55 -16.65 -10.36
CA ILE B 105 3.34 -16.64 -9.14
C ILE B 105 2.88 -17.73 -8.13
N MET B 106 1.58 -18.10 -8.15
CA MET B 106 1.01 -19.12 -7.23
C MET B 106 1.13 -18.58 -5.78
N ASP B 107 1.77 -19.30 -4.83
CA ASP B 107 1.95 -18.80 -3.47
C ASP B 107 3.36 -18.15 -3.25
N GLY B 108 4.10 -17.89 -4.34
CA GLY B 108 5.43 -17.30 -4.24
C GLY B 108 6.57 -18.29 -4.12
N SER B 109 6.25 -19.58 -4.01
CA SER B 109 7.25 -20.64 -3.86
C SER B 109 7.15 -21.62 -5.04
N ALA B 110 7.87 -22.76 -4.93
CA ALA B 110 7.83 -23.84 -5.92
C ALA B 110 6.91 -24.98 -5.46
N GLY B 111 6.32 -24.87 -4.27
CA GLY B 111 5.45 -25.91 -3.70
C GLY B 111 4.28 -26.30 -4.58
N PRO B 112 3.45 -25.34 -5.01
CA PRO B 112 2.30 -25.72 -5.86
C PRO B 112 2.71 -26.38 -7.18
N PHE B 113 3.83 -25.97 -7.81
CA PHE B 113 4.29 -26.61 -9.05
C PHE B 113 4.79 -28.02 -8.80
N VAL B 114 5.57 -28.18 -7.74
CA VAL B 114 6.11 -29.48 -7.33
C VAL B 114 4.94 -30.47 -7.08
N PHE B 115 3.89 -29.98 -6.42
CA PHE B 115 2.69 -30.79 -6.16
C PHE B 115 1.94 -31.10 -7.47
N LEU B 116 1.79 -30.11 -8.37
CA LEU B 116 1.09 -30.32 -9.65
C LEU B 116 1.86 -31.31 -10.54
N ILE B 117 3.19 -31.20 -10.57
CA ILE B 117 3.99 -32.11 -11.39
C ILE B 117 3.85 -33.55 -10.85
N GLN B 118 3.99 -33.72 -9.53
CA GLN B 118 3.91 -35.03 -8.89
C GLN B 118 2.48 -35.60 -8.87
N SER B 119 1.45 -34.75 -8.97
CA SER B 119 0.06 -35.21 -9.06
C SER B 119 -0.19 -35.79 -10.46
N ALA B 120 0.40 -35.17 -11.49
CA ALA B 120 0.31 -35.65 -12.87
C ALA B 120 1.15 -36.92 -13.05
N GLY B 121 2.27 -36.99 -12.34
CA GLY B 121 3.19 -38.12 -12.39
C GLY B 121 4.30 -37.89 -13.38
N LEU B 122 5.41 -38.63 -13.19
CA LEU B 122 6.58 -38.56 -14.07
C LEU B 122 6.65 -39.80 -14.93
N GLN B 123 7.32 -39.68 -16.07
CA GLN B 123 7.50 -40.77 -17.02
C GLN B 123 8.96 -40.89 -17.36
N GLU B 124 9.60 -42.03 -17.05
CA GLU B 124 11.00 -42.27 -17.43
C GLU B 124 11.02 -42.53 -18.94
N GLN B 125 12.02 -42.00 -19.66
CA GLN B 125 12.10 -42.10 -21.12
C GLN B 125 13.22 -43.07 -21.54
N GLU B 126 13.27 -43.46 -22.83
CA GLU B 126 14.28 -44.43 -23.30
C GLU B 126 15.48 -43.70 -23.90
N ALA B 127 16.20 -43.02 -23.02
CA ALA B 127 17.41 -42.26 -23.30
C ALA B 127 18.04 -41.85 -21.99
N ALA B 128 19.36 -42.00 -21.88
CA ALA B 128 20.08 -41.70 -20.66
C ALA B 128 20.03 -40.21 -20.31
N LYS B 129 19.93 -39.92 -19.02
CA LYS B 129 19.92 -38.55 -18.51
C LYS B 129 21.31 -37.98 -18.63
N LYS B 130 21.44 -36.79 -19.18
CA LYS B 130 22.74 -36.14 -19.34
C LYS B 130 22.96 -35.12 -18.22
N PHE B 131 24.11 -35.22 -17.55
CA PHE B 131 24.48 -34.31 -16.48
C PHE B 131 25.65 -33.46 -16.89
N ILE B 132 25.72 -32.21 -16.42
CA ILE B 132 26.87 -31.33 -16.66
C ILE B 132 27.71 -31.44 -15.41
N ARG B 133 28.91 -32.02 -15.50
CA ARG B 133 29.78 -32.16 -14.34
CA ARG B 133 29.80 -32.17 -14.35
C ARG B 133 30.80 -31.03 -14.33
N ILE B 134 30.92 -30.32 -13.18
CA ILE B 134 31.88 -29.22 -13.03
C ILE B 134 33.26 -29.87 -12.78
N LYS B 135 34.26 -29.55 -13.63
CA LYS B 135 35.63 -30.08 -13.56
C LYS B 135 36.62 -29.10 -12.96
N ARG B 136 36.40 -27.79 -13.18
CA ARG B 136 37.23 -26.71 -12.64
C ARG B 136 36.35 -25.63 -12.08
N GLU B 137 36.91 -24.83 -11.18
CA GLU B 137 36.19 -23.72 -10.58
C GLU B 137 35.96 -22.60 -11.56
N VAL B 138 34.75 -22.06 -11.56
CA VAL B 138 34.34 -20.93 -12.39
C VAL B 138 33.68 -19.94 -11.46
N SER B 139 34.12 -18.69 -11.49
CA SER B 139 33.58 -17.64 -10.65
C SER B 139 33.29 -16.38 -11.45
N VAL B 140 32.34 -15.59 -10.98
CA VAL B 140 32.00 -14.28 -11.50
C VAL B 140 31.76 -13.39 -10.32
N GLU B 141 32.15 -12.13 -10.45
CA GLU B 141 31.97 -11.11 -9.43
C GLU B 141 31.47 -9.84 -10.08
N GLU B 142 30.87 -8.98 -9.28
CA GLU B 142 30.36 -7.68 -9.69
C GLU B 142 30.14 -6.92 -8.41
N GLY B 143 31.07 -6.02 -8.09
CA GLY B 143 31.03 -5.27 -6.83
C GLY B 143 31.28 -6.23 -5.68
N ASP B 144 30.40 -6.25 -4.67
CA ASP B 144 30.56 -7.19 -3.56
C ASP B 144 29.74 -8.49 -3.79
N LYS B 145 29.06 -8.66 -4.95
CA LYS B 145 28.31 -9.89 -5.25
C LYS B 145 29.22 -10.95 -5.89
N ARG B 146 28.97 -12.23 -5.56
CA ARG B 146 29.77 -13.34 -6.07
C ARG B 146 28.96 -14.61 -6.28
N ALA B 147 29.18 -15.28 -7.41
CA ALA B 147 28.56 -16.56 -7.76
C ALA B 147 29.69 -17.49 -8.20
N VAL B 148 29.76 -18.71 -7.65
CA VAL B 148 30.87 -19.63 -7.94
C VAL B 148 30.39 -21.04 -8.17
N PHE B 149 30.98 -21.73 -9.15
CA PHE B 149 30.80 -23.17 -9.36
C PHE B 149 32.06 -23.85 -8.85
N VAL B 150 31.92 -24.92 -8.07
CA VAL B 150 33.05 -25.66 -7.52
C VAL B 150 32.86 -27.15 -7.86
N PRO B 151 33.91 -27.89 -8.27
CA PRO B 151 33.72 -29.33 -8.48
C PRO B 151 33.25 -30.01 -7.19
N PHE B 152 32.26 -30.88 -7.29
CA PHE B 152 31.71 -31.57 -6.12
C PHE B 152 30.97 -32.82 -6.57
N ASP B 153 31.24 -33.96 -5.93
CA ASP B 153 30.61 -35.23 -6.30
C ASP B 153 29.18 -35.31 -5.72
N GLY B 154 28.28 -34.59 -6.37
CA GLY B 154 26.88 -34.51 -6.01
C GLY B 154 26.32 -33.18 -6.46
N PHE B 155 25.29 -32.70 -5.77
CA PHE B 155 24.72 -31.39 -6.05
C PHE B 155 24.52 -30.68 -4.73
N LYS B 156 25.17 -29.51 -4.58
CA LYS B 156 25.10 -28.69 -3.37
C LYS B 156 24.93 -27.24 -3.73
N VAL B 157 24.13 -26.51 -2.95
CA VAL B 157 23.91 -25.08 -3.14
C VAL B 157 24.12 -24.40 -1.80
N SER B 158 25.04 -23.44 -1.77
CA SER B 158 25.30 -22.61 -0.61
C SER B 158 24.96 -21.19 -0.98
N PHE B 159 24.35 -20.46 -0.04
CA PHE B 159 23.94 -19.10 -0.30
C PHE B 159 24.02 -18.26 0.97
N GLU B 160 24.42 -17.00 0.80
CA GLU B 160 24.48 -16.03 1.88
C GLU B 160 23.91 -14.70 1.41
N ILE B 161 23.01 -14.12 2.22
CA ILE B 161 22.37 -12.82 1.99
C ILE B 161 22.93 -11.85 3.02
N ASP B 162 22.92 -10.55 2.70
CA ASP B 162 23.49 -9.52 3.58
C ASP B 162 22.58 -8.29 3.65
N PHE B 163 21.59 -8.33 4.55
CA PHE B 163 20.67 -7.21 4.79
C PHE B 163 20.90 -6.65 6.18
N ASP B 164 21.21 -5.34 6.27
CA ASP B 164 21.38 -4.65 7.55
C ASP B 164 19.96 -4.25 7.95
N HIS B 165 19.27 -5.19 8.61
CA HIS B 165 17.86 -5.07 8.98
C HIS B 165 17.54 -5.92 10.21
N PRO B 166 16.68 -5.45 11.15
CA PRO B 166 16.39 -6.24 12.36
C PRO B 166 15.80 -7.65 12.15
N VAL B 167 15.14 -7.92 11.02
CA VAL B 167 14.58 -9.24 10.73
C VAL B 167 15.65 -10.21 10.19
N PHE B 168 16.77 -9.67 9.67
CA PHE B 168 17.80 -10.44 8.99
C PHE B 168 19.11 -10.46 9.75
N ARG B 169 19.11 -11.10 10.92
CA ARG B 169 20.30 -11.24 11.77
C ARG B 169 20.48 -12.71 12.19
N GLY B 170 21.71 -13.06 12.60
CA GLY B 170 22.04 -14.40 13.07
C GLY B 170 22.45 -15.39 11.99
N ARG B 171 22.32 -16.70 12.30
CA ARG B 171 22.69 -17.81 11.42
C ARG B 171 21.69 -18.05 10.27
N THR B 172 20.50 -17.42 10.32
CA THR B 172 19.49 -17.56 9.26
C THR B 172 19.86 -16.80 7.95
N GLN B 173 20.99 -16.01 7.91
CA GLN B 173 21.39 -15.28 6.70
CA GLN B 173 21.43 -15.28 6.72
C GLN B 173 22.24 -16.15 5.77
N GLN B 174 22.64 -17.36 6.20
CA GLN B 174 23.43 -18.29 5.41
C GLN B 174 22.85 -19.68 5.51
N ALA B 175 22.90 -20.44 4.42
CA ALA B 175 22.45 -21.83 4.42
C ALA B 175 23.15 -22.62 3.32
N SER B 176 23.30 -23.91 3.56
CA SER B 176 23.89 -24.88 2.65
C SER B 176 22.98 -26.09 2.58
N VAL B 177 22.60 -26.51 1.36
CA VAL B 177 21.76 -27.67 1.15
C VAL B 177 22.52 -28.66 0.27
N ASP B 178 22.80 -29.85 0.81
CA ASP B 178 23.44 -30.97 0.13
C ASP B 178 22.29 -31.89 -0.23
N PHE B 179 21.94 -31.99 -1.52
CA PHE B 179 20.77 -32.75 -1.96
C PHE B 179 20.88 -34.29 -1.85
N SER B 180 22.07 -34.85 -1.53
CA SER B 180 22.20 -36.29 -1.26
C SER B 180 21.56 -36.63 0.08
N SER B 181 21.71 -35.73 1.07
CA SER B 181 21.18 -35.87 2.42
C SER B 181 19.84 -35.15 2.63
N THR B 182 19.58 -34.05 1.89
CA THR B 182 18.39 -33.22 2.05
C THR B 182 17.41 -33.34 0.88
N SER B 183 16.12 -33.14 1.17
CA SER B 183 15.03 -33.18 0.21
C SER B 183 14.71 -31.77 -0.32
N PHE B 184 14.70 -31.58 -1.65
CA PHE B 184 14.33 -30.30 -2.26
C PHE B 184 12.87 -29.95 -1.91
N VAL B 185 11.99 -30.95 -2.00
CA VAL B 185 10.56 -30.79 -1.72
C VAL B 185 10.32 -30.28 -0.28
N LYS B 186 10.87 -30.96 0.71
CA LYS B 186 10.60 -30.62 2.11
C LYS B 186 11.31 -29.38 2.61
N GLU B 187 12.61 -29.24 2.32
CA GLU B 187 13.40 -28.15 2.88
C GLU B 187 13.58 -26.91 2.00
N VAL B 188 13.28 -26.95 0.69
CA VAL B 188 13.48 -25.75 -0.14
C VAL B 188 12.22 -25.32 -0.94
N SER B 189 11.46 -26.26 -1.53
CA SER B 189 10.34 -25.92 -2.42
C SER B 189 9.29 -24.94 -1.85
N ARG B 190 9.02 -24.96 -0.53
CA ARG B 190 7.98 -24.11 0.06
C ARG B 190 8.46 -22.68 0.37
N ALA B 191 9.75 -22.37 0.17
CA ALA B 191 10.29 -21.05 0.50
C ALA B 191 9.72 -20.00 -0.44
N ARG B 192 8.98 -19.02 0.09
CA ARG B 192 8.35 -18.01 -0.75
C ARG B 192 9.22 -16.82 -1.04
N THR B 193 8.89 -16.15 -2.16
CA THR B 193 9.56 -14.93 -2.58
C THR B 193 9.24 -13.84 -1.56
N PHE B 194 10.09 -12.83 -1.50
CA PHE B 194 9.96 -11.76 -0.54
C PHE B 194 10.42 -10.44 -1.08
N GLY B 195 9.99 -9.38 -0.43
CA GLY B 195 10.40 -8.02 -0.77
C GLY B 195 10.25 -7.07 0.40
N PHE B 196 11.00 -5.99 0.37
CA PHE B 196 10.94 -4.94 1.39
C PHE B 196 9.89 -3.95 0.92
N MET B 197 9.06 -3.46 1.85
CA MET B 197 7.93 -2.59 1.54
C MET B 197 8.31 -1.36 0.72
N ARG B 198 9.45 -0.70 1.01
CA ARG B 198 9.86 0.49 0.23
C ARG B 198 10.21 0.11 -1.22
N ASP B 199 10.83 -1.06 -1.45
CA ASP B 199 11.15 -1.54 -2.80
C ASP B 199 9.87 -1.91 -3.55
N ILE B 200 8.89 -2.50 -2.84
CA ILE B 200 7.61 -2.90 -3.43
C ILE B 200 6.83 -1.66 -3.83
N GLU B 201 6.84 -0.62 -2.99
CA GLU B 201 6.19 0.64 -3.31
C GLU B 201 6.87 1.28 -4.54
N TYR B 202 8.22 1.21 -4.61
CA TYR B 202 8.92 1.72 -5.79
C TYR B 202 8.49 0.94 -7.04
N LEU B 203 8.50 -0.40 -6.97
CA LEU B 203 8.13 -1.21 -8.14
C LEU B 203 6.67 -0.97 -8.56
N ARG B 204 5.74 -0.82 -7.59
CA ARG B 204 4.34 -0.53 -7.91
C ARG B 204 4.21 0.85 -8.58
N SER B 205 5.04 1.83 -8.21
CA SER B 205 5.00 3.14 -8.88
C SER B 205 5.45 3.08 -10.35
N GLN B 206 6.26 2.06 -10.70
CA GLN B 206 6.76 1.80 -12.05
C GLN B 206 5.95 0.71 -12.76
N ASN B 207 4.73 0.38 -12.26
CA ASN B 207 3.83 -0.62 -12.82
C ASN B 207 4.46 -2.03 -12.83
N LEU B 208 5.22 -2.34 -11.78
CA LEU B 208 5.80 -3.66 -11.54
C LEU B 208 5.23 -4.17 -10.21
N ALA B 209 5.47 -5.43 -9.86
CA ALA B 209 4.90 -6.07 -8.66
C ALA B 209 3.36 -5.91 -8.56
N LEU B 210 2.63 -5.78 -9.69
CA LEU B 210 1.18 -5.53 -9.68
C LEU B 210 0.33 -6.70 -9.19
N GLY B 211 0.84 -7.92 -9.25
CA GLY B 211 0.14 -9.10 -8.77
C GLY B 211 0.55 -9.52 -7.37
N GLY B 212 1.52 -8.80 -6.78
CA GLY B 212 2.04 -9.09 -5.46
C GLY B 212 1.05 -8.85 -4.34
N SER B 213 1.08 -9.72 -3.32
CA SER B 213 0.22 -9.63 -2.13
C SER B 213 0.77 -10.52 -1.02
N VAL B 214 0.14 -10.47 0.17
CA VAL B 214 0.53 -11.33 1.29
C VAL B 214 0.26 -12.82 0.99
N GLU B 215 -0.66 -13.12 0.06
CA GLU B 215 -0.99 -14.49 -0.35
C GLU B 215 0.10 -15.13 -1.22
N ASN B 216 0.99 -14.32 -1.84
CA ASN B 216 2.02 -14.86 -2.72
C ASN B 216 3.44 -14.26 -2.48
N ALA B 217 3.66 -13.56 -1.35
CA ALA B 217 4.96 -12.98 -1.05
C ALA B 217 5.09 -12.59 0.41
N ILE B 218 6.30 -12.70 0.97
CA ILE B 218 6.60 -12.27 2.33
C ILE B 218 6.91 -10.80 2.24
N VAL B 219 6.14 -9.95 2.94
CA VAL B 219 6.35 -8.50 2.88
C VAL B 219 6.97 -8.08 4.18
N VAL B 220 8.13 -7.42 4.10
CA VAL B 220 8.86 -6.95 5.27
C VAL B 220 8.88 -5.42 5.26
N ASP B 221 8.52 -4.78 6.38
CA ASP B 221 8.60 -3.32 6.47
C ASP B 221 9.97 -2.97 7.10
N GLU B 222 10.13 -1.80 7.74
CA GLU B 222 11.42 -1.43 8.34
C GLU B 222 11.82 -2.33 9.53
N ASN B 223 10.85 -3.00 10.21
CA ASN B 223 11.14 -3.79 11.42
C ASN B 223 10.55 -5.20 11.50
N ARG B 224 9.52 -5.56 10.71
CA ARG B 224 8.90 -6.87 10.82
C ARG B 224 8.33 -7.41 9.54
N VAL B 225 7.91 -8.69 9.60
CA VAL B 225 7.18 -9.39 8.55
C VAL B 225 5.72 -8.99 8.72
N LEU B 226 5.10 -8.43 7.69
CA LEU B 226 3.70 -8.01 7.75
C LEU B 226 2.72 -9.19 7.60
N ASN B 227 3.16 -10.32 7.02
CA ASN B 227 2.31 -11.51 6.83
C ASN B 227 1.81 -12.03 8.18
N GLU B 228 0.49 -12.00 8.39
CA GLU B 228 -0.17 -12.43 9.62
C GLU B 228 0.24 -13.84 10.07
N ASP B 229 0.31 -14.78 9.11
CA ASP B 229 0.58 -16.20 9.41
C ASP B 229 2.07 -16.57 9.60
N GLY B 230 3.00 -15.65 9.37
CA GLY B 230 4.41 -15.91 9.60
C GLY B 230 5.15 -16.67 8.53
N LEU B 231 6.31 -17.24 8.90
CA LEU B 231 7.22 -17.93 8.00
C LEU B 231 7.02 -19.45 8.02
N ARG B 232 7.43 -20.09 6.92
CA ARG B 232 7.36 -21.54 6.74
C ARG B 232 8.66 -22.21 7.20
N TYR B 233 9.74 -21.45 7.22
CA TYR B 233 11.05 -21.88 7.69
C TYR B 233 11.66 -20.76 8.49
N GLU B 234 12.51 -21.08 9.46
CA GLU B 234 13.22 -20.06 10.23
C GLU B 234 14.14 -19.23 9.29
N ASP B 235 14.69 -19.88 8.25
CA ASP B 235 15.57 -19.26 7.26
C ASP B 235 14.89 -19.28 5.87
N GLU B 236 13.61 -18.88 5.82
CA GLU B 236 12.86 -18.88 4.56
C GLU B 236 13.45 -17.97 3.48
N PHE B 237 14.04 -16.84 3.88
CA PHE B 237 14.57 -15.86 2.92
C PHE B 237 15.77 -16.41 2.13
N VAL B 238 16.78 -16.92 2.83
CA VAL B 238 17.97 -17.51 2.19
C VAL B 238 17.56 -18.82 1.46
N LYS B 239 16.57 -19.59 1.98
CA LYS B 239 16.10 -20.80 1.29
C LYS B 239 15.41 -20.43 -0.04
N HIS B 240 14.73 -19.25 -0.11
CA HIS B 240 14.13 -18.82 -1.36
C HIS B 240 15.22 -18.43 -2.36
N LYS B 241 16.31 -17.82 -1.89
CA LYS B 241 17.43 -17.50 -2.78
C LYS B 241 18.07 -18.78 -3.31
N ILE B 242 18.08 -19.87 -2.51
CA ILE B 242 18.60 -21.16 -2.95
C ILE B 242 17.65 -21.70 -4.03
N LEU B 243 16.33 -21.58 -3.81
CA LEU B 243 15.30 -21.95 -4.79
C LEU B 243 15.53 -21.19 -6.10
N ASP B 244 15.74 -19.85 -6.04
CA ASP B 244 15.99 -19.03 -7.23
C ASP B 244 17.23 -19.47 -7.99
N ALA B 245 18.31 -19.80 -7.28
CA ALA B 245 19.56 -20.23 -7.88
C ALA B 245 19.39 -21.56 -8.60
N ILE B 246 18.67 -22.53 -8.00
CA ILE B 246 18.42 -23.84 -8.62
C ILE B 246 17.65 -23.65 -9.94
N GLY B 247 16.68 -22.74 -9.97
CA GLY B 247 15.90 -22.45 -11.15
C GLY B 247 16.73 -21.79 -12.25
N ASP B 248 17.53 -20.78 -11.87
CA ASP B 248 18.42 -20.11 -12.82
C ASP B 248 19.47 -21.08 -13.34
N LEU B 249 20.09 -21.91 -12.48
CA LEU B 249 21.09 -22.88 -12.90
C LEU B 249 20.52 -23.93 -13.87
N TYR B 250 19.21 -24.18 -13.83
CA TYR B 250 18.59 -25.16 -14.73
C TYR B 250 18.51 -24.64 -16.17
N LEU B 251 18.80 -23.35 -16.39
CA LEU B 251 18.90 -22.79 -17.73
C LEU B 251 20.14 -23.32 -18.49
N LEU B 252 21.01 -24.11 -17.85
CA LEU B 252 22.09 -24.82 -18.56
C LEU B 252 21.50 -25.88 -19.51
N GLY B 253 20.29 -26.38 -19.20
CA GLY B 253 19.59 -27.39 -20.00
C GLY B 253 19.73 -28.81 -19.46
N ASN B 254 20.59 -29.01 -18.45
CA ASN B 254 20.86 -30.31 -17.84
C ASN B 254 21.19 -30.18 -16.36
N SER B 255 20.96 -31.24 -15.60
CA SER B 255 21.24 -31.26 -14.16
C SER B 255 22.73 -31.16 -13.90
N LEU B 256 23.11 -30.40 -12.88
CA LEU B 256 24.52 -30.20 -12.53
C LEU B 256 25.05 -31.24 -11.55
N ILE B 257 26.33 -31.58 -11.72
CA ILE B 257 27.09 -32.39 -10.76
C ILE B 257 28.16 -31.41 -10.32
N GLY B 258 27.94 -30.80 -9.18
CA GLY B 258 28.83 -29.76 -8.71
C GLY B 258 28.24 -28.95 -7.59
N GLU B 259 28.92 -27.90 -7.21
CA GLU B 259 28.49 -27.06 -6.12
C GLU B 259 28.39 -25.63 -6.55
N PHE B 260 27.30 -24.96 -6.15
CA PHE B 260 27.09 -23.53 -6.35
C PHE B 260 27.25 -22.82 -5.03
N ARG B 261 27.97 -21.71 -5.04
CA ARG B 261 28.09 -20.83 -3.89
C ARG B 261 27.74 -19.44 -4.34
N GLY B 262 26.78 -18.83 -3.66
CA GLY B 262 26.36 -17.46 -3.97
C GLY B 262 26.49 -16.57 -2.77
N PHE B 263 26.98 -15.34 -3.00
CA PHE B 263 27.07 -14.30 -1.98
C PHE B 263 26.37 -13.08 -2.56
N LYS B 264 25.15 -12.79 -2.07
CA LYS B 264 24.33 -11.67 -2.51
C LYS B 264 24.03 -11.76 -4.01
N SER B 265 24.10 -12.98 -4.59
CA SER B 265 23.87 -13.16 -6.01
C SER B 265 22.40 -13.01 -6.34
N GLY B 266 22.12 -12.72 -7.59
CA GLY B 266 20.75 -12.56 -8.08
C GLY B 266 20.65 -13.17 -9.45
N HIS B 267 19.53 -12.92 -10.12
CA HIS B 267 19.26 -13.45 -11.45
C HIS B 267 20.33 -13.04 -12.46
N ALA B 268 20.76 -11.77 -12.43
CA ALA B 268 21.78 -11.25 -13.36
C ALA B 268 23.14 -11.94 -13.19
N LEU B 269 23.69 -11.93 -11.97
CA LEU B 269 25.00 -12.54 -11.75
C LEU B 269 24.93 -14.09 -11.96
N ASN B 270 23.80 -14.73 -11.61
CA ASN B 270 23.62 -16.18 -11.85
C ASN B 270 23.70 -16.50 -13.33
N ASN B 271 23.04 -15.70 -14.19
CA ASN B 271 23.10 -15.89 -15.64
C ASN B 271 24.52 -15.64 -16.16
N GLN B 272 25.22 -14.64 -15.61
CA GLN B 272 26.60 -14.36 -16.01
C GLN B 272 27.50 -15.54 -15.66
N LEU B 273 27.26 -16.20 -14.49
CA LEU B 273 28.04 -17.38 -14.10
C LEU B 273 27.83 -18.49 -15.13
N LEU B 274 26.56 -18.72 -15.55
CA LEU B 274 26.24 -19.76 -16.54
C LEU B 274 26.94 -19.51 -17.86
N ARG B 275 26.91 -18.26 -18.31
CA ARG B 275 27.51 -17.85 -19.58
C ARG B 275 29.01 -18.08 -19.57
N THR B 276 29.69 -17.76 -18.45
CA THR B 276 31.13 -17.97 -18.27
C THR B 276 31.43 -19.47 -18.27
N LEU B 277 30.61 -20.28 -17.55
CA LEU B 277 30.79 -21.73 -17.52
C LEU B 277 30.69 -22.31 -18.92
N ILE B 278 29.60 -21.98 -19.64
CA ILE B 278 29.36 -22.48 -21.00
C ILE B 278 30.55 -22.12 -21.89
N ALA B 279 31.03 -20.88 -21.78
CA ALA B 279 32.17 -20.43 -22.58
C ALA B 279 33.47 -21.13 -22.22
N ASP B 280 33.67 -21.47 -20.93
CA ASP B 280 34.88 -22.16 -20.48
C ASP B 280 34.63 -23.66 -20.53
N LYS B 281 34.78 -24.26 -21.74
CA LYS B 281 34.49 -25.69 -21.96
C LYS B 281 35.48 -26.63 -21.25
N ASP B 282 36.67 -26.15 -20.83
CA ASP B 282 37.59 -26.95 -20.00
C ASP B 282 37.07 -27.12 -18.55
N ALA B 283 36.10 -26.31 -18.13
CA ALA B 283 35.59 -26.38 -16.76
C ALA B 283 34.42 -27.35 -16.59
N TRP B 284 33.94 -28.00 -17.66
CA TRP B 284 32.84 -28.95 -17.53
C TRP B 284 32.80 -29.98 -18.65
N GLU B 285 32.02 -31.04 -18.43
CA GLU B 285 31.81 -32.11 -19.41
C GLU B 285 30.45 -32.71 -19.20
N VAL B 286 29.95 -33.41 -20.21
CA VAL B 286 28.66 -34.10 -20.13
C VAL B 286 28.93 -35.54 -19.71
N VAL B 287 28.11 -36.08 -18.80
CA VAL B 287 28.24 -37.46 -18.34
C VAL B 287 26.85 -38.08 -18.18
N THR B 288 26.78 -39.41 -18.35
CA THR B 288 25.57 -40.20 -18.19
C THR B 288 25.86 -41.35 -17.24
N PHE B 289 24.83 -41.93 -16.63
CA PHE B 289 24.99 -43.05 -15.71
C PHE B 289 24.14 -44.21 -16.17
N GLU B 290 24.78 -45.20 -16.81
CA GLU B 290 24.10 -46.40 -17.27
C GLU B 290 23.89 -47.36 -16.08
N ASP B 291 24.64 -47.16 -14.98
CA ASP B 291 24.46 -47.87 -13.71
C ASP B 291 24.21 -46.80 -12.65
N ALA B 292 23.00 -46.75 -12.07
CA ALA B 292 22.63 -45.75 -11.07
C ALA B 292 23.39 -45.91 -9.74
N ARG B 293 23.99 -47.10 -9.48
CA ARG B 293 24.77 -47.34 -8.26
C ARG B 293 26.05 -46.50 -8.23
N THR B 294 26.60 -46.14 -9.42
CA THR B 294 27.82 -45.36 -9.53
C THR B 294 27.56 -43.83 -9.58
N ALA B 295 26.28 -43.38 -9.55
CA ALA B 295 25.94 -41.97 -9.67
C ALA B 295 25.90 -41.26 -8.31
N PRO B 296 26.40 -40.00 -8.22
CA PRO B 296 26.34 -39.27 -6.95
C PRO B 296 24.98 -38.57 -6.71
N ILE B 297 24.19 -38.40 -7.79
CA ILE B 297 22.87 -37.76 -7.71
C ILE B 297 21.80 -38.83 -7.74
N SER B 298 20.73 -38.64 -6.97
CA SER B 298 19.62 -39.59 -6.90
C SER B 298 18.29 -38.84 -6.99
N TYR B 299 17.31 -39.44 -7.68
CA TYR B 299 15.99 -38.86 -7.82
C TYR B 299 14.94 -39.79 -7.23
N MET B 300 13.75 -39.26 -7.02
CA MET B 300 12.64 -40.00 -6.44
C MET B 300 11.99 -40.86 -7.51
N ARG B 301 11.18 -41.86 -7.12
CA ARG B 301 10.51 -42.72 -8.10
C ARG B 301 9.59 -41.89 -9.01
N PRO B 302 9.43 -42.27 -10.29
CA PRO B 302 8.54 -41.48 -11.17
C PRO B 302 7.06 -41.67 -10.82
N SER C 1 -15.45 5.00 -4.60
CA SER C 1 -16.18 5.11 -3.34
C SER C 1 -17.47 4.27 -3.36
N ASN C 2 -18.17 4.17 -2.21
CA ASN C 2 -19.43 3.42 -2.09
C ASN C 2 -20.60 4.00 -2.90
N ALA C 3 -20.58 5.31 -3.22
CA ALA C 3 -21.66 5.96 -3.97
C ALA C 3 -21.43 5.94 -5.50
N MET C 4 -20.30 5.38 -5.97
CA MET C 4 -19.97 5.34 -7.40
C MET C 4 -20.83 4.34 -8.17
N ILE C 5 -20.84 4.46 -9.51
CA ILE C 5 -21.49 3.46 -10.37
C ILE C 5 -20.50 2.31 -10.41
N LYS C 6 -20.89 1.17 -9.85
CA LYS C 6 -20.04 0.01 -9.70
C LYS C 6 -20.13 -0.95 -10.87
N GLN C 7 -19.05 -1.73 -11.08
CA GLN C 7 -19.09 -2.80 -12.08
C GLN C 7 -20.02 -3.90 -11.57
N ARG C 8 -20.63 -4.65 -12.50
CA ARG C 8 -21.56 -5.72 -12.14
C ARG C 8 -21.21 -7.03 -12.78
N THR C 9 -21.53 -8.10 -12.06
CA THR C 9 -21.39 -9.47 -12.53
C THR C 9 -22.62 -10.23 -12.04
N LEU C 10 -22.64 -11.53 -12.29
CA LEU C 10 -23.74 -12.40 -11.87
C LEU C 10 -23.52 -12.84 -10.43
N LYS C 11 -24.60 -13.08 -9.69
CA LYS C 11 -24.52 -13.53 -8.29
C LYS C 11 -24.27 -15.03 -8.26
N ASN C 12 -24.82 -15.79 -9.24
CA ASN C 12 -24.70 -17.24 -9.33
C ASN C 12 -24.49 -17.71 -10.77
N ILE C 13 -24.12 -18.98 -10.92
CA ILE C 13 -23.98 -19.64 -12.21
C ILE C 13 -25.37 -20.08 -12.66
N ILE C 14 -25.72 -19.86 -13.94
CA ILE C 14 -27.01 -20.32 -14.46
C ILE C 14 -26.77 -20.97 -15.84
N ARG C 15 -27.57 -22.00 -16.16
CA ARG C 15 -27.43 -22.78 -17.38
C ARG C 15 -28.72 -22.78 -18.22
N ALA C 16 -28.56 -22.79 -19.54
CA ALA C 16 -29.66 -22.86 -20.51
C ALA C 16 -29.29 -23.77 -21.67
N THR C 17 -30.30 -24.29 -22.38
CA THR C 17 -30.15 -25.20 -23.52
C THR C 17 -30.89 -24.64 -24.74
N GLY C 18 -30.34 -24.88 -25.92
CA GLY C 18 -30.96 -24.45 -27.16
C GLY C 18 -30.23 -24.92 -28.39
N VAL C 19 -30.61 -24.36 -29.54
CA VAL C 19 -30.00 -24.67 -30.84
C VAL C 19 -29.52 -23.37 -31.50
N GLY C 20 -28.45 -23.48 -32.30
CA GLY C 20 -27.91 -22.34 -33.02
C GLY C 20 -28.78 -22.02 -34.23
N LEU C 21 -29.18 -20.75 -34.39
CA LEU C 21 -30.05 -20.34 -35.50
C LEU C 21 -29.50 -20.79 -36.86
N HIS C 22 -28.20 -20.54 -37.09
CA HIS C 22 -27.57 -20.86 -38.37
C HIS C 22 -26.96 -22.26 -38.46
N SER C 23 -26.35 -22.76 -37.38
CA SER C 23 -25.75 -24.09 -37.40
C SER C 23 -26.78 -25.21 -37.20
N GLY C 24 -27.81 -24.94 -36.40
CA GLY C 24 -28.83 -25.93 -36.06
C GLY C 24 -28.33 -26.98 -35.09
N GLU C 25 -27.18 -26.74 -34.43
CA GLU C 25 -26.55 -27.66 -33.48
C GLU C 25 -26.99 -27.38 -32.05
N LYS C 26 -27.20 -28.46 -31.27
CA LYS C 26 -27.56 -28.36 -29.85
C LYS C 26 -26.41 -27.70 -29.09
N VAL C 27 -26.71 -26.78 -28.17
CA VAL C 27 -25.68 -26.07 -27.41
C VAL C 27 -26.13 -25.88 -25.95
N TYR C 28 -25.17 -26.00 -25.03
CA TYR C 28 -25.37 -25.76 -23.62
C TYR C 28 -24.75 -24.42 -23.30
N LEU C 29 -25.54 -23.45 -22.81
CA LEU C 29 -25.03 -22.13 -22.44
C LEU C 29 -24.89 -22.06 -20.94
N THR C 30 -23.72 -21.64 -20.42
CA THR C 30 -23.52 -21.45 -18.99
C THR C 30 -22.97 -20.04 -18.73
N LEU C 31 -23.75 -19.21 -18.03
CA LEU C 31 -23.35 -17.87 -17.62
C LEU C 31 -22.74 -17.97 -16.25
N LYS C 32 -21.54 -17.42 -16.04
CA LYS C 32 -20.86 -17.47 -14.75
C LYS C 32 -20.36 -16.11 -14.27
N PRO C 33 -20.24 -15.93 -12.95
CA PRO C 33 -19.64 -14.69 -12.44
C PRO C 33 -18.18 -14.56 -12.89
N ALA C 34 -17.68 -13.33 -13.01
CA ALA C 34 -16.28 -13.10 -13.39
C ALA C 34 -15.72 -11.94 -12.60
N PRO C 35 -14.39 -11.90 -12.31
CA PRO C 35 -13.85 -10.78 -11.54
C PRO C 35 -13.93 -9.41 -12.23
N VAL C 36 -13.52 -8.39 -11.51
CA VAL C 36 -13.46 -7.01 -11.96
C VAL C 36 -12.55 -6.88 -13.20
N ASP C 37 -12.91 -5.98 -14.13
CA ASP C 37 -12.16 -5.68 -15.37
C ASP C 37 -11.97 -6.89 -16.30
N THR C 38 -12.82 -7.94 -16.19
CA THR C 38 -12.74 -9.08 -17.11
C THR C 38 -13.43 -8.75 -18.43
N GLY C 39 -14.59 -8.11 -18.34
CA GLY C 39 -15.43 -7.83 -19.49
C GLY C 39 -16.25 -9.08 -19.76
N ILE C 40 -16.92 -9.14 -20.90
CA ILE C 40 -17.70 -10.32 -21.29
C ILE C 40 -16.74 -11.23 -22.07
N VAL C 41 -16.53 -12.45 -21.59
CA VAL C 41 -15.61 -13.39 -22.23
C VAL C 41 -16.34 -14.67 -22.59
N PHE C 42 -16.37 -15.01 -23.90
CA PHE C 42 -17.00 -16.24 -24.36
C PHE C 42 -15.99 -17.36 -24.25
N SER C 43 -16.45 -18.57 -23.91
CA SER C 43 -15.56 -19.73 -23.74
CA SER C 43 -15.56 -19.72 -23.75
C SER C 43 -16.14 -20.97 -24.42
N ARG C 44 -15.34 -21.62 -25.28
CA ARG C 44 -15.71 -22.84 -25.99
C ARG C 44 -15.26 -24.02 -25.14
N THR C 45 -16.14 -24.53 -24.28
CA THR C 45 -15.83 -25.62 -23.33
C THR C 45 -15.85 -27.01 -23.97
N ASP C 46 -16.34 -27.14 -25.20
CA ASP C 46 -16.30 -28.41 -25.93
C ASP C 46 -14.88 -28.70 -26.43
N LEU C 47 -14.07 -27.65 -26.61
CA LEU C 47 -12.70 -27.79 -27.10
C LEU C 47 -11.73 -28.12 -25.95
N ASP C 48 -10.65 -28.84 -26.27
CA ASP C 48 -9.61 -29.25 -25.32
C ASP C 48 -8.24 -28.86 -25.91
N PRO C 49 -7.55 -27.82 -25.38
CA PRO C 49 -7.90 -26.97 -24.24
C PRO C 49 -9.08 -26.05 -24.52
N VAL C 50 -9.65 -25.48 -23.44
CA VAL C 50 -10.75 -24.54 -23.51
C VAL C 50 -10.20 -23.24 -24.13
N VAL C 51 -10.93 -22.65 -25.10
CA VAL C 51 -10.51 -21.44 -25.79
C VAL C 51 -11.43 -20.29 -25.42
N GLU C 52 -10.86 -19.16 -24.98
CA GLU C 52 -11.60 -17.98 -24.58
C GLU C 52 -11.55 -16.92 -25.65
N ILE C 53 -12.65 -16.19 -25.84
CA ILE C 53 -12.71 -15.09 -26.81
C ILE C 53 -13.37 -13.88 -26.15
N PRO C 54 -12.61 -12.83 -25.78
CA PRO C 54 -13.24 -11.63 -25.22
C PRO C 54 -14.24 -11.02 -26.20
N ALA C 55 -15.42 -10.59 -25.71
CA ALA C 55 -16.43 -9.96 -26.55
C ALA C 55 -16.01 -8.50 -26.84
N ARG C 56 -15.08 -8.35 -27.79
CA ARG C 56 -14.49 -7.07 -28.18
C ARG C 56 -14.49 -6.91 -29.69
N ALA C 57 -14.62 -5.65 -30.19
CA ALA C 57 -14.69 -5.30 -31.61
C ALA C 57 -13.54 -5.88 -32.43
N GLU C 58 -12.33 -5.96 -31.84
CA GLU C 58 -11.14 -6.52 -32.52
C GLU C 58 -11.27 -8.02 -32.86
N ASN C 59 -12.12 -8.77 -32.13
CA ASN C 59 -12.29 -10.21 -32.37
C ASN C 59 -13.48 -10.53 -33.29
N VAL C 60 -14.13 -9.53 -33.90
CA VAL C 60 -15.23 -9.75 -34.83
C VAL C 60 -14.64 -10.22 -36.17
N GLY C 61 -15.05 -11.41 -36.63
CA GLY C 61 -14.55 -12.02 -37.86
C GLY C 61 -15.51 -11.99 -39.03
N GLU C 62 -16.76 -12.40 -38.83
CA GLU C 62 -17.80 -12.37 -39.86
C GLU C 62 -18.96 -11.53 -39.34
N THR C 63 -19.63 -10.81 -40.26
CA THR C 63 -20.72 -9.91 -39.92
C THR C 63 -21.82 -9.90 -41.00
N THR C 64 -22.06 -11.01 -41.69
CA THR C 64 -23.09 -11.02 -42.72
C THR C 64 -24.45 -11.20 -42.01
N MET C 65 -24.87 -12.44 -41.73
CA MET C 65 -26.16 -12.70 -41.10
C MET C 65 -26.13 -12.40 -39.61
N SER C 66 -25.01 -12.67 -38.94
CA SER C 66 -24.88 -12.44 -37.52
C SER C 66 -23.47 -11.99 -37.18
N THR C 67 -23.28 -11.55 -35.93
CA THR C 67 -21.98 -11.12 -35.43
C THR C 67 -21.30 -12.33 -34.87
N THR C 68 -20.13 -12.67 -35.43
CA THR C 68 -19.32 -13.81 -35.02
C THR C 68 -18.01 -13.32 -34.47
N LEU C 69 -17.58 -13.91 -33.34
CA LEU C 69 -16.30 -13.63 -32.71
C LEU C 69 -15.31 -14.68 -33.17
N VAL C 70 -14.08 -14.27 -33.50
CA VAL C 70 -13.03 -15.17 -33.98
C VAL C 70 -11.72 -14.93 -33.24
N LYS C 71 -11.02 -16.03 -32.94
CA LYS C 71 -9.69 -16.03 -32.33
C LYS C 71 -8.97 -17.21 -32.95
N GLY C 72 -8.11 -16.93 -33.91
CA GLY C 72 -7.39 -17.95 -34.65
C GLY C 72 -8.36 -18.81 -35.44
N ASP C 73 -8.39 -20.11 -35.13
CA ASP C 73 -9.28 -21.08 -35.79
C ASP C 73 -10.59 -21.33 -35.01
N VAL C 74 -10.85 -20.62 -33.88
CA VAL C 74 -12.06 -20.85 -33.08
C VAL C 74 -13.04 -19.71 -33.28
N LYS C 75 -14.32 -20.05 -33.39
CA LYS C 75 -15.38 -19.07 -33.57
C LYS C 75 -16.50 -19.27 -32.56
N VAL C 76 -17.21 -18.17 -32.28
CA VAL C 76 -18.42 -18.12 -31.46
C VAL C 76 -19.41 -17.28 -32.27
N ASP C 77 -20.45 -17.91 -32.82
CA ASP C 77 -21.43 -17.25 -33.69
C ASP C 77 -22.66 -16.73 -32.95
N THR C 78 -23.27 -15.67 -33.52
CA THR C 78 -24.53 -15.06 -33.09
C THR C 78 -24.52 -14.60 -31.61
N VAL C 79 -23.59 -13.71 -31.28
CA VAL C 79 -23.42 -13.17 -29.93
C VAL C 79 -24.35 -11.96 -29.63
N GLU C 80 -24.85 -11.27 -30.67
CA GLU C 80 -25.60 -10.02 -30.53
C GLU C 80 -26.83 -10.07 -29.59
N HIS C 81 -27.62 -11.15 -29.57
CA HIS C 81 -28.83 -11.14 -28.71
C HIS C 81 -28.46 -11.33 -27.25
N LEU C 82 -27.42 -12.13 -26.95
CA LEU C 82 -26.95 -12.30 -25.58
C LEU C 82 -26.27 -11.02 -25.08
N LEU C 83 -25.37 -10.45 -25.89
CA LEU C 83 -24.69 -9.22 -25.53
C LEU C 83 -25.67 -8.07 -25.34
N SER C 84 -26.78 -8.05 -26.11
CA SER C 84 -27.82 -7.04 -25.94
C SER C 84 -28.44 -7.14 -24.53
N ALA C 85 -28.72 -8.37 -24.05
CA ALA C 85 -29.26 -8.59 -22.71
C ALA C 85 -28.25 -8.15 -21.62
N MET C 86 -26.95 -8.47 -21.80
CA MET C 86 -25.90 -8.08 -20.84
CA MET C 86 -25.92 -8.07 -20.83
C MET C 86 -25.78 -6.55 -20.78
N ALA C 87 -25.88 -5.89 -21.94
CA ALA C 87 -25.82 -4.43 -22.05
C ALA C 87 -27.04 -3.80 -21.38
N GLY C 88 -28.21 -4.37 -21.65
CA GLY C 88 -29.48 -3.90 -21.11
C GLY C 88 -29.58 -4.00 -19.59
N LEU C 89 -28.92 -5.00 -18.99
CA LEU C 89 -28.90 -5.18 -17.53
C LEU C 89 -27.61 -4.66 -16.87
N GLY C 90 -26.73 -4.05 -17.65
CA GLY C 90 -25.49 -3.46 -17.14
C GLY C 90 -24.47 -4.47 -16.61
N ILE C 91 -24.44 -5.69 -17.17
CA ILE C 91 -23.48 -6.71 -16.72
C ILE C 91 -22.13 -6.37 -17.34
N ASP C 92 -21.13 -6.05 -16.51
CA ASP C 92 -19.80 -5.71 -17.01
C ASP C 92 -18.93 -6.91 -17.19
N ASN C 93 -18.93 -7.81 -16.21
CA ASN C 93 -18.05 -8.97 -16.18
C ASN C 93 -18.83 -10.27 -16.15
N ALA C 94 -18.50 -11.19 -17.06
CA ALA C 94 -19.16 -12.51 -17.11
C ALA C 94 -18.37 -13.47 -17.99
N TYR C 95 -18.41 -14.74 -17.63
CA TYR C 95 -17.84 -15.81 -18.45
C TYR C 95 -19.03 -16.47 -19.11
N VAL C 96 -19.06 -16.51 -20.45
CA VAL C 96 -20.15 -17.13 -21.19
C VAL C 96 -19.62 -18.44 -21.78
N GLU C 97 -19.96 -19.58 -21.17
CA GLU C 97 -19.49 -20.89 -21.65
C GLU C 97 -20.46 -21.50 -22.65
N LEU C 98 -19.92 -22.05 -23.75
CA LEU C 98 -20.66 -22.71 -24.81
C LEU C 98 -20.09 -24.08 -25.13
N SER C 99 -20.96 -25.08 -25.34
CA SER C 99 -20.56 -26.44 -25.72
C SER C 99 -20.53 -26.60 -27.26
N ALA C 100 -20.80 -25.51 -28.01
CA ALA C 100 -20.77 -25.52 -29.47
C ALA C 100 -20.38 -24.12 -29.98
N SER C 101 -20.17 -23.99 -31.28
CA SER C 101 -19.73 -22.74 -31.90
C SER C 101 -20.78 -21.63 -31.96
N GLU C 102 -22.05 -21.86 -31.54
CA GLU C 102 -23.06 -20.82 -31.68
C GLU C 102 -23.90 -20.65 -30.42
N VAL C 103 -24.19 -19.39 -30.07
CA VAL C 103 -25.04 -19.05 -28.92
C VAL C 103 -26.45 -19.58 -29.25
N PRO C 104 -27.19 -20.19 -28.29
CA PRO C 104 -28.54 -20.68 -28.62
C PRO C 104 -29.46 -19.53 -29.02
N ILE C 105 -30.34 -19.74 -29.98
CA ILE C 105 -31.24 -18.69 -30.46
C ILE C 105 -32.40 -18.44 -29.46
N MET C 106 -32.77 -19.44 -28.64
CA MET C 106 -33.88 -19.35 -27.67
C MET C 106 -35.18 -19.03 -28.45
N ASP C 107 -35.94 -17.97 -28.11
CA ASP C 107 -37.16 -17.61 -28.85
C ASP C 107 -36.89 -16.55 -29.95
N GLY C 108 -35.61 -16.26 -30.24
CA GLY C 108 -35.22 -15.27 -31.24
C GLY C 108 -34.98 -13.87 -30.71
N SER C 109 -35.24 -13.65 -29.42
CA SER C 109 -35.11 -12.34 -28.77
C SER C 109 -34.10 -12.40 -27.62
N ALA C 110 -34.03 -11.31 -26.84
CA ALA C 110 -33.17 -11.21 -25.66
C ALA C 110 -33.96 -11.54 -24.37
N GLY C 111 -35.29 -11.71 -24.47
CA GLY C 111 -36.17 -12.02 -23.34
C GLY C 111 -35.69 -13.16 -22.47
N PRO C 112 -35.46 -14.36 -23.04
CA PRO C 112 -35.01 -15.49 -22.22
C PRO C 112 -33.64 -15.28 -21.56
N PHE C 113 -32.74 -14.48 -22.17
CA PHE C 113 -31.43 -14.18 -21.58
C PHE C 113 -31.56 -13.18 -20.42
N VAL C 114 -32.42 -12.16 -20.58
CA VAL C 114 -32.65 -11.17 -19.54
C VAL C 114 -33.31 -11.88 -18.31
N PHE C 115 -34.20 -12.85 -18.55
CA PHE C 115 -34.79 -13.64 -17.46
C PHE C 115 -33.72 -14.52 -16.80
N LEU C 116 -32.86 -15.19 -17.60
CA LEU C 116 -31.79 -16.05 -17.05
C LEU C 116 -30.80 -15.23 -16.21
N ILE C 117 -30.35 -14.09 -16.72
CA ILE C 117 -29.42 -13.21 -16.00
C ILE C 117 -30.04 -12.74 -14.69
N GLN C 118 -31.29 -12.26 -14.72
CA GLN C 118 -31.94 -11.72 -13.53
C GLN C 118 -32.34 -12.81 -12.54
N SER C 119 -32.64 -14.04 -13.00
CA SER C 119 -32.91 -15.16 -12.09
C SER C 119 -31.62 -15.56 -11.35
N ALA C 120 -30.46 -15.46 -12.04
CA ALA C 120 -29.15 -15.74 -11.43
C ALA C 120 -28.78 -14.67 -10.39
N GLY C 121 -29.30 -13.45 -10.57
CA GLY C 121 -29.09 -12.34 -9.66
C GLY C 121 -27.89 -11.50 -10.05
N LEU C 122 -27.91 -10.21 -9.74
CA LEU C 122 -26.82 -9.28 -10.06
C LEU C 122 -26.01 -9.00 -8.82
N GLN C 123 -24.68 -8.93 -8.95
CA GLN C 123 -23.75 -8.67 -7.87
C GLN C 123 -22.92 -7.44 -8.20
N GLU C 124 -22.99 -6.39 -7.36
CA GLU C 124 -22.15 -5.20 -7.56
C GLU C 124 -20.73 -5.53 -7.10
N GLN C 125 -19.71 -4.97 -7.77
CA GLN C 125 -18.31 -5.27 -7.49
C GLN C 125 -17.56 -4.03 -7.05
N GLU C 126 -16.46 -4.21 -6.31
CA GLU C 126 -15.67 -3.09 -5.79
C GLU C 126 -14.72 -2.55 -6.86
N ALA C 127 -15.29 -1.90 -7.87
CA ALA C 127 -14.58 -1.28 -8.99
C ALA C 127 -15.53 -0.40 -9.75
N ALA C 128 -15.05 0.75 -10.22
CA ALA C 128 -15.87 1.70 -10.94
C ALA C 128 -16.22 1.20 -12.35
N LYS C 129 -17.49 1.38 -12.74
CA LYS C 129 -17.97 1.06 -14.08
C LYS C 129 -17.39 2.06 -15.06
N LYS C 130 -16.71 1.58 -16.11
CA LYS C 130 -16.10 2.47 -17.09
C LYS C 130 -17.07 2.72 -18.22
N PHE C 131 -17.20 3.98 -18.64
CA PHE C 131 -18.09 4.38 -19.72
C PHE C 131 -17.33 5.05 -20.82
N ILE C 132 -17.79 4.89 -22.06
CA ILE C 132 -17.22 5.55 -23.21
C ILE C 132 -18.20 6.66 -23.58
N ARG C 133 -17.77 7.92 -23.42
CA ARG C 133 -18.58 9.08 -23.75
C ARG C 133 -18.26 9.55 -25.14
N ILE C 134 -19.28 9.75 -25.99
CA ILE C 134 -19.08 10.26 -27.35
C ILE C 134 -18.89 11.77 -27.22
N LYS C 135 -17.75 12.31 -27.69
CA LYS C 135 -17.43 13.75 -27.64
C LYS C 135 -17.78 14.44 -28.95
N ARG C 136 -17.52 13.77 -30.09
CA ARG C 136 -17.80 14.30 -31.43
C ARG C 136 -18.59 13.30 -32.24
N GLU C 137 -19.28 13.78 -33.28
CA GLU C 137 -20.04 12.93 -34.18
C GLU C 137 -19.10 12.04 -34.99
N VAL C 138 -19.43 10.74 -35.08
CA VAL C 138 -18.69 9.76 -35.86
C VAL C 138 -19.70 9.01 -36.70
N SER C 139 -19.45 8.87 -38.01
CA SER C 139 -20.35 8.16 -38.90
C SER C 139 -19.59 7.35 -39.94
N VAL C 140 -20.26 6.31 -40.44
CA VAL C 140 -19.79 5.46 -41.53
C VAL C 140 -20.98 5.23 -42.48
N GLU C 141 -20.73 5.25 -43.77
CA GLU C 141 -21.74 5.01 -44.81
C GLU C 141 -21.25 3.98 -45.80
N GLU C 142 -22.20 3.37 -46.50
CA GLU C 142 -21.92 2.39 -47.56
C GLU C 142 -23.20 2.29 -48.39
N GLY C 143 -23.22 2.98 -49.52
CA GLY C 143 -24.40 3.05 -50.39
C GLY C 143 -25.52 3.77 -49.68
N ASP C 144 -26.69 3.12 -49.53
CA ASP C 144 -27.85 3.70 -48.85
C ASP C 144 -27.90 3.33 -47.34
N LYS C 145 -26.82 2.74 -46.78
CA LYS C 145 -26.76 2.34 -45.39
C LYS C 145 -25.91 3.33 -44.59
N ARG C 146 -26.27 3.61 -43.34
CA ARG C 146 -25.53 4.57 -42.53
C ARG C 146 -25.72 4.27 -41.03
N ALA C 147 -24.61 4.32 -40.28
CA ALA C 147 -24.56 4.13 -38.83
C ALA C 147 -23.85 5.36 -38.25
N VAL C 148 -24.43 6.00 -37.22
CA VAL C 148 -23.89 7.23 -36.66
C VAL C 148 -23.87 7.22 -35.13
N PHE C 149 -22.80 7.77 -34.55
CA PHE C 149 -22.67 8.08 -33.13
C PHE C 149 -22.78 9.58 -33.00
N VAL C 150 -23.61 10.08 -32.07
CA VAL C 150 -23.81 11.51 -31.87
C VAL C 150 -23.65 11.80 -30.37
N PRO C 151 -23.02 12.92 -29.94
CA PRO C 151 -22.95 13.20 -28.50
C PRO C 151 -24.35 13.32 -27.91
N PHE C 152 -24.54 12.71 -26.74
CA PHE C 152 -25.82 12.74 -26.03
C PHE C 152 -25.58 12.37 -24.57
N ASP C 153 -26.11 13.18 -23.65
CA ASP C 153 -25.90 12.96 -22.21
C ASP C 153 -26.87 11.87 -21.71
N GLY C 154 -26.55 10.63 -22.05
CA GLY C 154 -27.33 9.45 -21.68
C GLY C 154 -27.10 8.34 -22.67
N PHE C 155 -28.11 7.49 -22.89
CA PHE C 155 -28.01 6.44 -23.89
C PHE C 155 -29.30 6.38 -24.67
N LYS C 156 -29.22 6.57 -25.99
CA LYS C 156 -30.37 6.57 -26.88
C LYS C 156 -30.03 5.85 -28.17
N VAL C 157 -30.96 5.06 -28.69
CA VAL C 157 -30.78 4.31 -29.93
C VAL C 157 -31.94 4.61 -30.85
N SER C 158 -31.63 4.99 -32.09
CA SER C 158 -32.64 5.22 -33.13
C SER C 158 -32.36 4.29 -34.28
N PHE C 159 -33.42 3.81 -34.93
CA PHE C 159 -33.27 2.92 -36.06
C PHE C 159 -34.32 3.16 -37.09
N GLU C 160 -33.93 3.14 -38.36
CA GLU C 160 -34.82 3.30 -39.49
C GLU C 160 -34.61 2.14 -40.45
N ILE C 161 -35.68 1.42 -40.79
CA ILE C 161 -35.64 0.29 -41.72
C ILE C 161 -36.32 0.72 -43.01
N ASP C 162 -36.08 -0.02 -44.09
CA ASP C 162 -36.62 0.29 -45.41
C ASP C 162 -36.66 -0.98 -46.29
N PHE C 163 -37.43 -2.01 -45.86
CA PHE C 163 -37.55 -3.27 -46.60
C PHE C 163 -38.68 -3.18 -47.62
N ASP C 164 -38.42 -3.60 -48.88
CA ASP C 164 -39.40 -3.53 -49.96
C ASP C 164 -40.28 -4.79 -49.94
N HIS C 165 -41.17 -4.85 -48.94
CA HIS C 165 -42.09 -5.96 -48.70
C HIS C 165 -43.40 -5.40 -48.11
N PRO C 166 -44.60 -5.88 -48.53
CA PRO C 166 -45.84 -5.27 -48.01
C PRO C 166 -46.05 -5.41 -46.50
N VAL C 167 -45.73 -6.55 -45.88
CA VAL C 167 -45.96 -6.72 -44.44
C VAL C 167 -45.00 -5.81 -43.63
N PHE C 168 -43.78 -5.55 -44.14
CA PHE C 168 -42.84 -4.64 -43.47
C PHE C 168 -43.26 -3.20 -43.65
N ARG C 169 -43.56 -2.79 -44.89
CA ARG C 169 -43.97 -1.41 -45.18
C ARG C 169 -45.32 -1.04 -44.55
N GLY C 170 -46.14 -2.03 -44.19
CA GLY C 170 -47.40 -1.79 -43.49
C GLY C 170 -47.24 -1.58 -41.99
N ARG C 171 -46.03 -1.83 -41.43
CA ARG C 171 -45.72 -1.66 -40.01
C ARG C 171 -44.79 -0.44 -39.82
N THR C 172 -44.47 -0.12 -38.55
CA THR C 172 -43.58 0.99 -38.17
C THR C 172 -42.18 0.78 -38.79
N GLN C 173 -41.67 1.79 -39.50
CA GLN C 173 -40.38 1.79 -40.17
C GLN C 173 -39.28 2.48 -39.36
N GLN C 174 -39.64 3.23 -38.30
CA GLN C 174 -38.68 4.00 -37.50
C GLN C 174 -39.06 3.99 -36.03
N ALA C 175 -38.06 3.93 -35.16
CA ALA C 175 -38.26 3.95 -33.72
C ALA C 175 -37.07 4.58 -33.03
N SER C 176 -37.32 5.32 -31.95
CA SER C 176 -36.30 5.97 -31.11
C SER C 176 -36.55 5.57 -29.68
N VAL C 177 -35.53 5.08 -28.99
CA VAL C 177 -35.64 4.64 -27.61
C VAL C 177 -34.57 5.32 -26.77
N ASP C 178 -35.00 6.13 -25.81
CA ASP C 178 -34.16 6.80 -24.83
C ASP C 178 -34.27 5.98 -23.57
N PHE C 179 -33.17 5.38 -23.11
CA PHE C 179 -33.22 4.47 -21.96
C PHE C 179 -33.33 5.15 -20.59
N SER C 180 -33.33 6.50 -20.52
CA SER C 180 -33.60 7.21 -19.27
C SER C 180 -35.10 7.14 -18.94
N SER C 181 -35.95 7.06 -19.99
CA SER C 181 -37.40 7.01 -19.87
C SER C 181 -38.03 5.67 -20.29
N THR C 182 -37.32 4.85 -21.08
CA THR C 182 -37.86 3.57 -21.57
C THR C 182 -37.12 2.37 -20.96
N SER C 183 -37.85 1.30 -20.65
CA SER C 183 -37.25 0.08 -20.11
C SER C 183 -36.79 -0.82 -21.26
N PHE C 184 -35.52 -1.25 -21.22
CA PHE C 184 -34.98 -2.19 -22.21
C PHE C 184 -35.75 -3.50 -22.16
N VAL C 185 -35.97 -4.03 -20.94
CA VAL C 185 -36.69 -5.28 -20.71
C VAL C 185 -38.12 -5.23 -21.27
N LYS C 186 -38.90 -4.21 -20.94
CA LYS C 186 -40.30 -4.14 -21.37
C LYS C 186 -40.50 -3.90 -22.85
N GLU C 187 -39.83 -2.87 -23.39
CA GLU C 187 -40.04 -2.39 -24.74
C GLU C 187 -39.07 -2.91 -25.81
N VAL C 188 -37.88 -3.46 -25.45
CA VAL C 188 -36.95 -3.93 -26.48
C VAL C 188 -36.66 -5.44 -26.39
N SER C 189 -36.34 -5.97 -25.19
CA SER C 189 -35.87 -7.36 -25.01
C SER C 189 -36.70 -8.46 -25.66
N ARG C 190 -38.03 -8.30 -25.77
CA ARG C 190 -38.88 -9.36 -26.36
C ARG C 190 -38.98 -9.28 -27.90
N ALA C 191 -38.29 -8.33 -28.56
CA ALA C 191 -38.36 -8.21 -30.01
C ALA C 191 -37.60 -9.35 -30.67
N ARG C 192 -38.31 -10.22 -31.41
CA ARG C 192 -37.71 -11.40 -32.02
C ARG C 192 -37.07 -11.12 -33.35
N THR C 193 -36.10 -11.97 -33.71
CA THR C 193 -35.43 -11.91 -34.99
C THR C 193 -36.44 -12.23 -36.11
N PHE C 194 -36.14 -11.81 -37.33
CA PHE C 194 -37.07 -12.03 -38.43
C PHE C 194 -36.36 -12.39 -39.73
N GLY C 195 -37.08 -13.07 -40.60
CA GLY C 195 -36.58 -13.48 -41.90
C GLY C 195 -37.66 -13.58 -42.95
N PHE C 196 -37.26 -13.44 -44.22
CA PHE C 196 -38.15 -13.52 -45.37
C PHE C 196 -38.08 -14.95 -45.83
N MET C 197 -39.24 -15.62 -45.98
CA MET C 197 -39.29 -17.04 -46.35
C MET C 197 -38.51 -17.35 -47.63
N ARG C 198 -38.55 -16.46 -48.64
CA ARG C 198 -37.83 -16.66 -49.89
C ARG C 198 -36.32 -16.46 -49.70
N ASP C 199 -35.90 -15.52 -48.82
CA ASP C 199 -34.48 -15.33 -48.52
C ASP C 199 -33.98 -16.52 -47.66
N ILE C 200 -34.83 -17.00 -46.71
CA ILE C 200 -34.54 -18.16 -45.85
C ILE C 200 -34.23 -19.39 -46.73
N GLU C 201 -34.98 -19.59 -47.81
CA GLU C 201 -34.76 -20.70 -48.74
C GLU C 201 -33.37 -20.57 -49.40
N TYR C 202 -32.97 -19.33 -49.77
CA TYR C 202 -31.63 -19.06 -50.32
C TYR C 202 -30.54 -19.26 -49.27
N LEU C 203 -30.81 -18.89 -47.99
CA LEU C 203 -29.84 -19.08 -46.90
C LEU C 203 -29.60 -20.56 -46.60
N ARG C 204 -30.66 -21.39 -46.57
CA ARG C 204 -30.50 -22.83 -46.32
C ARG C 204 -29.85 -23.53 -47.54
N SER C 205 -29.97 -22.94 -48.76
CA SER C 205 -29.29 -23.45 -49.95
C SER C 205 -27.76 -23.21 -49.84
N GLN C 206 -27.35 -22.19 -49.04
CA GLN C 206 -25.94 -21.86 -48.78
C GLN C 206 -25.51 -22.30 -47.34
N ASN C 207 -26.18 -23.32 -46.75
CA ASN C 207 -25.91 -23.91 -45.42
C ASN C 207 -25.95 -22.88 -44.26
N LEU C 208 -26.98 -21.99 -44.27
CA LEU C 208 -27.23 -21.00 -43.21
C LEU C 208 -28.68 -21.15 -42.71
N ALA C 209 -29.01 -20.54 -41.56
CA ALA C 209 -30.36 -20.58 -40.96
C ALA C 209 -30.92 -22.02 -40.78
N LEU C 210 -30.05 -23.00 -40.47
CA LEU C 210 -30.44 -24.42 -40.33
C LEU C 210 -31.32 -24.71 -39.10
N GLY C 211 -31.14 -23.96 -38.02
CA GLY C 211 -31.95 -24.09 -36.81
C GLY C 211 -33.16 -23.19 -36.73
N GLY C 212 -33.48 -22.51 -37.82
CA GLY C 212 -34.60 -21.58 -37.87
C GLY C 212 -35.96 -22.24 -37.88
N SER C 213 -36.96 -21.57 -37.28
CA SER C 213 -38.35 -22.03 -37.23
C SER C 213 -39.26 -20.88 -36.77
N VAL C 214 -40.59 -21.08 -36.87
CA VAL C 214 -41.55 -20.09 -36.37
C VAL C 214 -41.51 -19.99 -34.82
N GLU C 215 -40.81 -20.93 -34.14
CA GLU C 215 -40.63 -20.92 -32.68
C GLU C 215 -39.47 -20.04 -32.22
N ASN C 216 -38.56 -19.66 -33.13
CA ASN C 216 -37.42 -18.81 -32.78
C ASN C 216 -37.23 -17.65 -33.77
N ALA C 217 -38.25 -17.33 -34.59
CA ALA C 217 -38.14 -16.25 -35.57
C ALA C 217 -39.48 -15.85 -36.15
N ILE C 218 -39.64 -14.56 -36.51
CA ILE C 218 -40.84 -14.10 -37.20
C ILE C 218 -40.60 -14.43 -38.66
N VAL C 219 -41.29 -15.44 -39.19
CA VAL C 219 -41.10 -15.86 -40.58
C VAL C 219 -42.15 -15.13 -41.40
N VAL C 220 -41.71 -14.41 -42.43
CA VAL C 220 -42.55 -13.61 -43.29
C VAL C 220 -42.55 -14.21 -44.68
N ASP C 221 -43.72 -14.62 -45.18
CA ASP C 221 -43.85 -15.15 -46.55
C ASP C 221 -43.86 -13.95 -47.52
N GLU C 222 -44.13 -14.18 -48.83
CA GLU C 222 -44.18 -13.08 -49.80
C GLU C 222 -45.30 -12.06 -49.48
N ASN C 223 -46.36 -12.47 -48.72
CA ASN C 223 -47.50 -11.62 -48.39
C ASN C 223 -47.65 -11.23 -46.91
N ARG C 224 -47.53 -12.17 -45.93
CA ARG C 224 -47.78 -11.84 -44.52
C ARG C 224 -46.91 -12.63 -43.50
N VAL C 225 -47.12 -12.36 -42.18
CA VAL C 225 -46.45 -13.02 -41.06
C VAL C 225 -46.97 -14.47 -40.98
N LEU C 226 -46.08 -15.47 -41.16
CA LEU C 226 -46.48 -16.88 -41.11
C LEU C 226 -46.78 -17.34 -39.66
N ASN C 227 -46.22 -16.67 -38.65
CA ASN C 227 -46.43 -17.05 -37.25
C ASN C 227 -47.88 -16.84 -36.84
N GLU C 228 -48.59 -17.94 -36.51
CA GLU C 228 -50.01 -17.92 -36.14
C GLU C 228 -50.31 -16.97 -34.97
N ASP C 229 -49.41 -16.93 -33.97
CA ASP C 229 -49.58 -16.10 -32.76
C ASP C 229 -49.41 -14.59 -33.00
N GLY C 230 -48.84 -14.17 -34.13
CA GLY C 230 -48.70 -12.76 -34.48
C GLY C 230 -47.45 -12.10 -33.93
N LEU C 231 -47.49 -10.77 -33.76
CA LEU C 231 -46.35 -10.01 -33.25
C LEU C 231 -46.50 -9.67 -31.77
N ARG C 232 -45.36 -9.42 -31.13
CA ARG C 232 -45.29 -9.04 -29.72
C ARG C 232 -45.37 -7.54 -29.57
N TYR C 233 -44.90 -6.81 -30.58
CA TYR C 233 -45.00 -5.36 -30.69
C TYR C 233 -45.45 -5.03 -32.09
N GLU C 234 -46.16 -3.92 -32.25
CA GLU C 234 -46.56 -3.46 -33.57
C GLU C 234 -45.26 -3.09 -34.36
N ASP C 235 -44.23 -2.59 -33.64
CA ASP C 235 -42.95 -2.17 -34.23
C ASP C 235 -41.83 -3.19 -33.90
N GLU C 236 -42.16 -4.49 -33.93
CA GLU C 236 -41.22 -5.54 -33.56
C GLU C 236 -40.00 -5.63 -34.47
N PHE C 237 -40.15 -5.39 -35.79
CA PHE C 237 -39.01 -5.50 -36.71
C PHE C 237 -37.97 -4.43 -36.42
N VAL C 238 -38.40 -3.17 -36.33
CA VAL C 238 -37.45 -2.09 -36.04
C VAL C 238 -36.90 -2.23 -34.59
N LYS C 239 -37.72 -2.70 -33.63
CA LYS C 239 -37.25 -2.92 -32.24
C LYS C 239 -36.20 -4.02 -32.18
N HIS C 240 -36.31 -5.06 -33.04
CA HIS C 240 -35.29 -6.10 -33.06
C HIS C 240 -33.97 -5.54 -33.65
N LYS C 241 -34.05 -4.65 -34.63
CA LYS C 241 -32.85 -4.02 -35.15
C LYS C 241 -32.17 -3.17 -34.07
N ILE C 242 -32.96 -2.53 -33.18
CA ILE C 242 -32.45 -1.75 -32.05
C ILE C 242 -31.73 -2.71 -31.09
N LEU C 243 -32.34 -3.89 -30.84
CA LEU C 243 -31.77 -4.93 -30.00
C LEU C 243 -30.42 -5.37 -30.54
N ASP C 244 -30.34 -5.67 -31.86
CA ASP C 244 -29.08 -6.05 -32.51
C ASP C 244 -28.01 -4.99 -32.36
N ALA C 245 -28.40 -3.72 -32.52
CA ALA C 245 -27.47 -2.59 -32.41
C ALA C 245 -26.91 -2.49 -31.01
N ILE C 246 -27.76 -2.66 -29.98
CA ILE C 246 -27.32 -2.59 -28.58
C ILE C 246 -26.28 -3.70 -28.33
N GLY C 247 -26.53 -4.90 -28.88
CA GLY C 247 -25.62 -6.03 -28.77
C GLY C 247 -24.30 -5.78 -29.47
N ASP C 248 -24.37 -5.32 -30.72
CA ASP C 248 -23.17 -5.02 -31.49
C ASP C 248 -22.39 -3.89 -30.84
N LEU C 249 -23.08 -2.84 -30.36
CA LEU C 249 -22.40 -1.71 -29.71
C LEU C 249 -21.68 -2.12 -28.42
N TYR C 250 -22.15 -3.20 -27.73
CA TYR C 250 -21.51 -3.67 -26.51
C TYR C 250 -20.15 -4.31 -26.75
N LEU C 251 -19.76 -4.55 -28.01
CA LEU C 251 -18.43 -5.05 -28.35
C LEU C 251 -17.36 -3.95 -28.18
N LEU C 252 -17.76 -2.70 -27.84
CA LEU C 252 -16.79 -1.66 -27.46
C LEU C 252 -16.06 -2.07 -26.17
N GLY C 253 -16.72 -2.86 -25.33
CA GLY C 253 -16.16 -3.36 -24.08
C GLY C 253 -16.64 -2.57 -22.87
N ASN C 254 -17.24 -1.39 -23.10
CA ASN C 254 -17.77 -0.53 -22.06
C ASN C 254 -19.09 0.11 -22.49
N SER C 255 -19.93 0.51 -21.52
CA SER C 255 -21.21 1.13 -21.79
C SER C 255 -21.03 2.50 -22.44
N LEU C 256 -21.91 2.83 -23.37
CA LEU C 256 -21.81 4.09 -24.09
C LEU C 256 -22.61 5.19 -23.43
N ILE C 257 -22.08 6.42 -23.53
CA ILE C 257 -22.75 7.66 -23.18
C ILE C 257 -22.80 8.37 -24.52
N GLY C 258 -23.95 8.33 -25.16
CA GLY C 258 -24.11 8.90 -26.47
C GLY C 258 -25.34 8.36 -27.17
N GLU C 259 -25.50 8.73 -28.43
CA GLU C 259 -26.65 8.33 -29.20
C GLU C 259 -26.23 7.60 -30.45
N PHE C 260 -26.90 6.47 -30.74
CA PHE C 260 -26.70 5.72 -31.97
C PHE C 260 -27.88 5.94 -32.89
N ARG C 261 -27.61 6.11 -34.20
CA ARG C 261 -28.64 6.22 -35.23
C ARG C 261 -28.28 5.28 -36.35
N GLY C 262 -29.15 4.30 -36.61
CA GLY C 262 -28.97 3.32 -37.68
C GLY C 262 -29.96 3.54 -38.80
N PHE C 263 -29.47 3.54 -40.05
CA PHE C 263 -30.30 3.72 -41.25
C PHE C 263 -30.01 2.54 -42.15
N LYS C 264 -30.87 1.51 -42.10
CA LYS C 264 -30.71 0.24 -42.83
C LYS C 264 -29.37 -0.42 -42.46
N SER C 265 -28.86 -0.12 -41.26
CA SER C 265 -27.59 -0.62 -40.78
C SER C 265 -27.75 -2.08 -40.40
N GLY C 266 -26.66 -2.79 -40.33
CA GLY C 266 -26.63 -4.20 -39.99
C GLY C 266 -25.40 -4.50 -39.17
N HIS C 267 -25.09 -5.77 -39.01
CA HIS C 267 -23.97 -6.22 -38.20
C HIS C 267 -22.62 -5.73 -38.76
N ALA C 268 -22.46 -5.69 -40.09
CA ALA C 268 -21.21 -5.27 -40.74
C ALA C 268 -20.92 -3.79 -40.53
N LEU C 269 -21.88 -2.93 -40.86
CA LEU C 269 -21.70 -1.49 -40.71
C LEU C 269 -21.65 -1.08 -39.24
N ASN C 270 -22.33 -1.83 -38.33
CA ASN C 270 -22.25 -1.59 -36.89
C ASN C 270 -20.83 -1.79 -36.40
N ASN C 271 -20.19 -2.90 -36.79
CA ASN C 271 -18.81 -3.15 -36.38
C ASN C 271 -17.87 -2.12 -36.99
N GLN C 272 -18.07 -1.75 -38.26
CA GLN C 272 -17.23 -0.74 -38.88
C GLN C 272 -17.35 0.60 -38.15
N LEU C 273 -18.55 0.94 -37.62
CA LEU C 273 -18.72 2.18 -36.86
C LEU C 273 -17.88 2.12 -35.57
N LEU C 274 -17.87 0.97 -34.89
CA LEU C 274 -17.06 0.82 -33.68
C LEU C 274 -15.58 0.94 -33.98
N ARG C 275 -15.13 0.39 -35.12
CA ARG C 275 -13.72 0.43 -35.48
C ARG C 275 -13.27 1.84 -35.82
N THR C 276 -14.11 2.61 -36.51
CA THR C 276 -13.84 4.00 -36.85
C THR C 276 -13.85 4.84 -35.57
N LEU C 277 -14.82 4.61 -34.66
CA LEU C 277 -14.86 5.33 -33.38
C LEU C 277 -13.58 5.10 -32.60
N ILE C 278 -13.21 3.83 -32.39
CA ILE C 278 -12.03 3.44 -31.61
C ILE C 278 -10.79 4.11 -32.20
N ALA C 279 -10.67 4.07 -33.53
CA ALA C 279 -9.58 4.71 -34.26
C ALA C 279 -9.55 6.24 -34.08
N ASP C 280 -10.70 6.91 -34.03
CA ASP C 280 -10.79 8.37 -33.85
C ASP C 280 -10.78 8.70 -32.34
N LYS C 281 -9.58 8.71 -31.70
CA LYS C 281 -9.46 8.89 -30.25
C LYS C 281 -9.95 10.27 -29.72
N ASP C 282 -9.98 11.32 -30.56
CA ASP C 282 -10.49 12.63 -30.10
C ASP C 282 -12.03 12.66 -30.03
N ALA C 283 -12.72 11.67 -30.63
CA ALA C 283 -14.18 11.62 -30.64
C ALA C 283 -14.76 10.92 -29.40
N TRP C 284 -13.91 10.42 -28.47
CA TRP C 284 -14.40 9.77 -27.26
C TRP C 284 -13.39 9.81 -26.13
N GLU C 285 -13.85 9.51 -24.91
CA GLU C 285 -13.02 9.45 -23.71
C GLU C 285 -13.61 8.45 -22.73
N VAL C 286 -12.77 7.87 -21.86
CA VAL C 286 -13.20 6.94 -20.83
C VAL C 286 -13.57 7.76 -19.59
N VAL C 287 -14.74 7.52 -19.01
CA VAL C 287 -15.20 8.26 -17.83
C VAL C 287 -15.79 7.30 -16.80
N THR C 288 -15.66 7.65 -15.51
CA THR C 288 -16.25 6.91 -14.38
C THR C 288 -16.99 7.92 -13.55
N PHE C 289 -18.00 7.48 -12.78
CA PHE C 289 -18.83 8.39 -11.98
C PHE C 289 -18.75 8.06 -10.50
N GLU C 290 -18.19 8.98 -9.71
CA GLU C 290 -18.05 8.81 -8.27
C GLU C 290 -19.38 8.96 -7.53
N ASP C 291 -20.32 9.73 -8.09
CA ASP C 291 -21.65 9.89 -7.50
C ASP C 291 -22.65 9.38 -8.53
N ALA C 292 -23.26 8.20 -8.27
CA ALA C 292 -24.24 7.60 -9.18
C ALA C 292 -25.46 8.51 -9.44
N ARG C 293 -25.81 9.41 -8.50
CA ARG C 293 -26.94 10.34 -8.67
C ARG C 293 -26.62 11.47 -9.68
N THR C 294 -25.33 11.74 -9.96
CA THR C 294 -24.87 12.78 -10.89
C THR C 294 -24.72 12.25 -12.33
N ALA C 295 -24.60 10.93 -12.53
CA ALA C 295 -24.39 10.34 -13.86
C ALA C 295 -25.60 10.48 -14.80
N PRO C 296 -25.38 10.42 -16.13
CA PRO C 296 -26.52 10.51 -17.07
C PRO C 296 -27.18 9.16 -17.37
N ILE C 297 -26.61 8.02 -16.90
CA ILE C 297 -27.19 6.69 -17.11
C ILE C 297 -27.42 6.02 -15.78
N SER C 298 -28.66 5.63 -15.50
CA SER C 298 -29.03 4.89 -14.29
C SER C 298 -29.21 3.42 -14.65
N TYR C 299 -29.05 2.52 -13.67
CA TYR C 299 -29.19 1.08 -13.86
C TYR C 299 -30.18 0.51 -12.86
N MET C 300 -30.82 -0.61 -13.21
CA MET C 300 -31.79 -1.27 -12.32
C MET C 300 -31.08 -1.75 -11.06
N ARG C 301 -31.74 -1.67 -9.89
CA ARG C 301 -31.11 -2.09 -8.62
C ARG C 301 -30.58 -3.54 -8.71
N PRO C 302 -29.48 -3.88 -8.01
CA PRO C 302 -28.93 -5.24 -8.10
C PRO C 302 -29.81 -6.27 -7.39
N SER D 1 4.53 -10.62 12.12
CA SER D 1 3.47 -11.64 12.08
C SER D 1 2.83 -11.81 13.48
N ASN D 2 1.78 -12.63 13.56
CA ASN D 2 1.08 -12.92 14.83
C ASN D 2 1.94 -13.70 15.84
N ALA D 3 2.95 -14.45 15.38
CA ALA D 3 3.83 -15.24 16.26
C ALA D 3 5.03 -14.43 16.81
N MET D 4 5.24 -13.17 16.37
CA MET D 4 6.40 -12.37 16.79
C MET D 4 6.28 -11.87 18.23
N ILE D 5 7.42 -11.41 18.81
CA ILE D 5 7.41 -10.74 20.10
C ILE D 5 6.86 -9.36 19.80
N LYS D 6 5.70 -9.03 20.36
CA LYS D 6 5.00 -7.79 20.09
C LYS D 6 5.34 -6.70 21.07
N GLN D 7 5.23 -5.43 20.62
CA GLN D 7 5.39 -4.31 21.53
C GLN D 7 4.24 -4.32 22.52
N ARG D 8 4.44 -3.70 23.69
CA ARG D 8 3.40 -3.68 24.72
C ARG D 8 3.18 -2.31 25.32
N THR D 9 1.93 -2.05 25.68
CA THR D 9 1.52 -0.84 26.38
C THR D 9 0.50 -1.22 27.46
N LEU D 10 -0.08 -0.23 28.13
CA LEU D 10 -1.08 -0.46 29.15
C LEU D 10 -2.44 -0.63 28.50
N LYS D 11 -3.34 -1.40 29.14
CA LYS D 11 -4.69 -1.63 28.63
C LYS D 11 -5.59 -0.47 29.06
N ASN D 12 -5.37 0.06 30.28
CA ASN D 12 -6.14 1.17 30.87
C ASN D 12 -5.23 2.23 31.49
N ILE D 13 -5.81 3.39 31.81
CA ILE D 13 -5.12 4.46 32.51
C ILE D 13 -5.18 4.14 34.00
N ILE D 14 -4.04 4.22 34.73
CA ILE D 14 -4.04 4.00 36.18
C ILE D 14 -3.32 5.18 36.85
N ARG D 15 -3.81 5.59 38.03
CA ARG D 15 -3.32 6.74 38.79
C ARG D 15 -2.83 6.34 40.18
N ALA D 16 -1.77 7.02 40.66
CA ALA D 16 -1.22 6.81 42.00
C ALA D 16 -0.77 8.14 42.59
N THR D 17 -0.60 8.17 43.92
CA THR D 17 -0.21 9.36 44.69
C THR D 17 0.99 9.05 45.60
N GLY D 18 1.86 10.02 45.77
CA GLY D 18 3.03 9.87 46.63
C GLY D 18 3.81 11.14 46.78
N VAL D 19 5.05 11.02 47.26
CA VAL D 19 5.96 12.14 47.46
C VAL D 19 7.31 11.84 46.83
N GLY D 20 7.99 12.88 46.35
CA GLY D 20 9.32 12.74 45.78
C GLY D 20 10.31 12.51 46.90
N LEU D 21 11.18 11.49 46.76
CA LEU D 21 12.17 11.15 47.81
C LEU D 21 13.04 12.35 48.16
N HIS D 22 13.57 13.04 47.14
CA HIS D 22 14.51 14.15 47.33
C HIS D 22 13.84 15.52 47.48
N SER D 23 12.76 15.80 46.76
CA SER D 23 12.08 17.09 46.87
C SER D 23 11.09 17.13 48.05
N GLY D 24 10.50 16.00 48.41
CA GLY D 24 9.50 15.94 49.47
C GLY D 24 8.15 16.54 49.09
N GLU D 25 7.92 16.77 47.77
CA GLU D 25 6.69 17.38 47.27
C GLU D 25 5.67 16.33 46.90
N LYS D 26 4.37 16.62 47.12
CA LYS D 26 3.28 15.71 46.73
C LYS D 26 3.23 15.63 45.22
N VAL D 27 3.02 14.42 44.68
CA VAL D 27 2.98 14.23 43.23
C VAL D 27 1.91 13.20 42.84
N TYR D 28 1.18 13.50 41.77
CA TYR D 28 0.17 12.63 41.22
C TYR D 28 0.77 11.96 40.00
N LEU D 29 0.83 10.62 40.02
CA LEU D 29 1.38 9.82 38.93
C LEU D 29 0.26 9.24 38.13
N THR D 30 0.31 9.38 36.80
CA THR D 30 -0.69 8.79 35.91
C THR D 30 0.02 8.06 34.78
N LEU D 31 -0.20 6.75 34.69
CA LEU D 31 0.35 5.90 33.63
C LEU D 31 -0.71 5.74 32.57
N LYS D 32 -0.38 6.01 31.29
CA LYS D 32 -1.37 5.91 30.22
C LYS D 32 -0.89 5.09 29.05
N PRO D 33 -1.81 4.45 28.31
CA PRO D 33 -1.40 3.73 27.09
C PRO D 33 -0.77 4.69 26.07
N ALA D 34 0.07 4.16 25.19
CA ALA D 34 0.69 5.01 24.15
C ALA D 34 0.80 4.22 22.86
N PRO D 35 0.83 4.90 21.69
CA PRO D 35 0.91 4.14 20.43
C PRO D 35 2.24 3.38 20.24
N VAL D 36 2.31 2.64 19.14
CA VAL D 36 3.47 1.88 18.75
C VAL D 36 4.67 2.84 18.50
N ASP D 37 5.89 2.40 18.85
CA ASP D 37 7.15 3.12 18.67
C ASP D 37 7.22 4.47 19.42
N THR D 38 6.48 4.63 20.52
CA THR D 38 6.52 5.85 21.32
C THR D 38 7.66 5.79 22.33
N GLY D 39 7.84 4.63 22.94
CA GLY D 39 8.82 4.43 24.01
C GLY D 39 8.17 4.91 25.30
N ILE D 40 8.96 5.02 26.38
CA ILE D 40 8.47 5.56 27.65
C ILE D 40 8.68 7.07 27.59
N VAL D 41 7.61 7.87 27.74
CA VAL D 41 7.69 9.33 27.68
C VAL D 41 7.13 9.93 28.98
N PHE D 42 7.93 10.72 29.69
CA PHE D 42 7.47 11.40 30.90
C PHE D 42 6.85 12.71 30.50
N SER D 43 5.77 13.12 31.18
CA SER D 43 5.06 14.35 30.87
CA SER D 43 5.06 14.35 30.87
C SER D 43 4.79 15.15 32.15
N ARG D 44 5.18 16.44 32.16
CA ARG D 44 4.96 17.33 33.29
C ARG D 44 3.67 18.07 33.05
N THR D 45 2.56 17.53 33.57
CA THR D 45 1.20 18.07 33.35
C THR D 45 0.89 19.27 34.24
N ASP D 46 1.74 19.58 35.23
CA ASP D 46 1.58 20.77 36.07
C ASP D 46 1.98 22.05 35.31
N LEU D 47 2.81 21.90 34.26
CA LEU D 47 3.28 23.03 33.46
C LEU D 47 2.31 23.33 32.34
N ASP D 48 2.24 24.61 31.94
CA ASP D 48 1.38 25.09 30.86
C ASP D 48 2.24 25.92 29.89
N PRO D 49 2.62 25.41 28.70
CA PRO D 49 2.24 24.12 28.08
C PRO D 49 2.86 22.91 28.76
N VAL D 50 2.25 21.73 28.50
CA VAL D 50 2.74 20.46 29.01
C VAL D 50 4.06 20.16 28.30
N VAL D 51 5.06 19.68 29.04
CA VAL D 51 6.38 19.37 28.51
C VAL D 51 6.62 17.88 28.62
N GLU D 52 6.98 17.24 27.48
CA GLU D 52 7.26 15.81 27.40
C GLU D 52 8.76 15.56 27.37
N ILE D 53 9.21 14.53 28.08
CA ILE D 53 10.61 14.14 28.09
C ILE D 53 10.73 12.63 27.80
N PRO D 54 11.18 12.23 26.59
CA PRO D 54 11.36 10.79 26.33
C PRO D 54 12.38 10.17 27.29
N ALA D 55 12.11 8.96 27.79
CA ALA D 55 13.02 8.27 28.70
C ALA D 55 14.18 7.65 27.90
N ARG D 56 15.16 8.50 27.55
CA ARG D 56 16.31 8.12 26.71
C ARG D 56 17.63 8.61 27.32
N ALA D 57 18.73 7.86 27.09
CA ALA D 57 20.06 8.19 27.63
C ALA D 57 20.50 9.63 27.35
N GLU D 58 20.18 10.17 26.16
CA GLU D 58 20.54 11.53 25.77
C GLU D 58 19.88 12.61 26.63
N ASN D 59 18.72 12.32 27.26
CA ASN D 59 18.03 13.27 28.12
C ASN D 59 18.43 13.16 29.59
N VAL D 60 19.42 12.32 29.93
CA VAL D 60 19.90 12.21 31.31
C VAL D 60 20.78 13.44 31.60
N GLY D 61 20.38 14.24 32.58
CA GLY D 61 21.08 15.47 32.94
C GLY D 61 21.76 15.49 34.29
N GLU D 62 21.24 14.77 35.28
CA GLU D 62 21.85 14.69 36.61
C GLU D 62 21.87 13.23 37.07
N THR D 63 22.93 12.84 37.76
CA THR D 63 23.13 11.47 38.25
C THR D 63 23.88 11.51 39.57
N THR D 64 23.41 12.33 40.51
CA THR D 64 24.08 12.46 41.81
C THR D 64 23.56 11.28 42.65
N MET D 65 22.36 11.42 43.23
CA MET D 65 21.73 10.37 44.04
C MET D 65 20.69 9.59 43.23
N SER D 66 20.17 10.15 42.15
CA SER D 66 19.19 9.48 41.30
C SER D 66 19.34 9.91 39.85
N THR D 67 18.71 9.15 38.94
CA THR D 67 18.71 9.48 37.52
C THR D 67 17.62 10.49 37.27
N THR D 68 17.99 11.64 36.72
CA THR D 68 17.11 12.74 36.37
C THR D 68 17.12 12.92 34.86
N LEU D 69 15.94 13.11 34.27
CA LEU D 69 15.78 13.42 32.86
C LEU D 69 15.63 14.92 32.73
N VAL D 70 16.29 15.52 31.73
CA VAL D 70 16.30 16.97 31.49
C VAL D 70 15.98 17.30 30.03
N LYS D 71 15.26 18.40 29.83
CA LYS D 71 14.93 18.95 28.52
C LYS D 71 14.79 20.45 28.71
N GLY D 72 15.74 21.20 28.18
CA GLY D 72 15.77 22.65 28.35
C GLY D 72 15.84 23.01 29.81
N ASP D 73 14.75 23.57 30.34
CA ASP D 73 14.64 23.98 31.75
C ASP D 73 13.69 23.07 32.57
N VAL D 74 13.23 21.94 32.01
CA VAL D 74 12.31 21.05 32.73
C VAL D 74 13.02 19.76 33.12
N LYS D 75 12.75 19.29 34.34
CA LYS D 75 13.35 18.09 34.89
C LYS D 75 12.27 17.10 35.35
N VAL D 76 12.63 15.81 35.31
CA VAL D 76 11.84 14.72 35.85
C VAL D 76 12.84 13.88 36.64
N ASP D 77 12.76 13.92 37.99
CA ASP D 77 13.71 13.26 38.89
C ASP D 77 13.28 11.86 39.34
N THR D 78 14.28 11.03 39.68
CA THR D 78 14.15 9.68 40.24
C THR D 78 13.23 8.78 39.40
N VAL D 79 13.62 8.56 38.14
CA VAL D 79 12.87 7.72 37.20
C VAL D 79 13.25 6.22 37.27
N GLU D 80 14.40 5.88 37.87
CA GLU D 80 14.95 4.53 37.85
C GLU D 80 14.02 3.44 38.41
N HIS D 81 13.25 3.69 39.48
CA HIS D 81 12.43 2.61 40.06
C HIS D 81 11.20 2.35 39.19
N LEU D 82 10.59 3.42 38.64
CA LEU D 82 9.46 3.23 37.74
C LEU D 82 9.93 2.59 36.43
N LEU D 83 11.06 3.06 35.87
CA LEU D 83 11.58 2.47 34.63
C LEU D 83 11.97 1.00 34.85
N SER D 84 12.45 0.64 36.07
CA SER D 84 12.77 -0.75 36.36
C SER D 84 11.50 -1.63 36.25
N ALA D 85 10.36 -1.15 36.78
CA ALA D 85 9.07 -1.87 36.70
C ALA D 85 8.61 -2.07 35.24
N MET D 86 8.76 -1.02 34.41
CA MET D 86 8.38 -1.04 32.99
CA MET D 86 8.37 -1.07 33.00
C MET D 86 9.21 -2.07 32.24
N ALA D 87 10.52 -2.11 32.54
CA ALA D 87 11.47 -3.04 31.93
C ALA D 87 11.15 -4.46 32.32
N GLY D 88 10.92 -4.66 33.62
CA GLY D 88 10.59 -5.96 34.18
C GLY D 88 9.31 -6.57 33.63
N LEU D 89 8.30 -5.72 33.32
CA LEU D 89 7.02 -6.17 32.75
C LEU D 89 6.99 -6.07 31.22
N GLY D 90 8.08 -5.63 30.60
CA GLY D 90 8.19 -5.53 29.16
C GLY D 90 7.32 -4.46 28.54
N ILE D 91 7.03 -3.37 29.27
CA ILE D 91 6.22 -2.28 28.74
C ILE D 91 7.09 -1.45 27.80
N ASP D 92 6.78 -1.43 26.50
CA ASP D 92 7.55 -0.65 25.52
C ASP D 92 7.06 0.78 25.43
N ASN D 93 5.74 0.95 25.33
CA ASN D 93 5.13 2.27 25.12
C ASN D 93 4.23 2.67 26.26
N ALA D 94 4.43 3.89 26.79
CA ALA D 94 3.60 4.43 27.87
C ALA D 94 3.85 5.92 28.06
N TYR D 95 2.81 6.64 28.44
CA TYR D 95 2.94 8.05 28.83
C TYR D 95 2.95 8.05 30.34
N VAL D 96 3.95 8.70 30.94
CA VAL D 96 4.04 8.80 32.39
C VAL D 96 3.79 10.26 32.75
N GLU D 97 2.59 10.58 33.21
CA GLU D 97 2.26 11.95 33.59
C GLU D 97 2.60 12.21 35.05
N LEU D 98 3.16 13.39 35.34
CA LEU D 98 3.52 13.82 36.70
C LEU D 98 3.05 15.24 36.97
N SER D 99 2.51 15.49 38.17
CA SER D 99 2.08 16.83 38.60
C SER D 99 3.21 17.61 39.30
N ALA D 100 4.42 17.02 39.39
CA ALA D 100 5.58 17.65 39.99
C ALA D 100 6.86 17.11 39.34
N SER D 101 8.01 17.68 39.70
CA SER D 101 9.29 17.33 39.11
C SER D 101 9.84 15.94 39.47
N GLU D 102 9.29 15.24 40.48
CA GLU D 102 9.85 13.95 40.86
C GLU D 102 8.83 12.83 40.90
N VAL D 103 9.24 11.62 40.47
CA VAL D 103 8.38 10.44 40.48
C VAL D 103 8.10 10.08 41.95
N PRO D 104 6.88 9.68 42.35
CA PRO D 104 6.66 9.32 43.76
C PRO D 104 7.55 8.15 44.19
N ILE D 105 8.13 8.23 45.39
CA ILE D 105 9.02 7.15 45.88
C ILE D 105 8.24 5.88 46.26
N MET D 106 6.96 6.02 46.62
CA MET D 106 6.08 4.91 47.03
C MET D 106 6.70 4.24 48.28
N ASP D 107 7.01 2.94 48.27
CA ASP D 107 7.62 2.29 49.44
C ASP D 107 9.15 2.14 49.30
N GLY D 108 9.76 2.81 48.30
CA GLY D 108 11.19 2.75 48.04
C GLY D 108 11.62 1.71 47.02
N SER D 109 10.68 0.87 46.54
CA SER D 109 10.96 -0.22 45.60
C SER D 109 10.14 -0.08 44.33
N ALA D 110 10.13 -1.12 43.48
CA ALA D 110 9.35 -1.15 42.24
C ALA D 110 8.04 -1.96 42.44
N GLY D 111 7.82 -2.55 43.62
CA GLY D 111 6.63 -3.34 43.93
C GLY D 111 5.34 -2.64 43.63
N PRO D 112 5.13 -1.42 44.18
CA PRO D 112 3.88 -0.69 43.92
C PRO D 112 3.64 -0.35 42.44
N PHE D 113 4.70 -0.12 41.64
CA PHE D 113 4.56 0.19 40.22
C PHE D 113 4.23 -1.06 39.41
N VAL D 114 4.88 -2.19 39.71
CA VAL D 114 4.61 -3.45 39.02
C VAL D 114 3.15 -3.87 39.33
N PHE D 115 2.65 -3.62 40.54
CA PHE D 115 1.25 -3.91 40.87
C PHE D 115 0.31 -2.94 40.11
N LEU D 116 0.65 -1.63 40.04
CA LEU D 116 -0.16 -0.64 39.34
C LEU D 116 -0.22 -0.94 37.84
N ILE D 117 0.92 -1.27 37.24
CA ILE D 117 0.97 -1.59 35.81
C ILE D 117 0.13 -2.84 35.51
N GLN D 118 0.29 -3.92 36.31
CA GLN D 118 -0.46 -5.17 36.08
C GLN D 118 -1.94 -5.03 36.44
N SER D 119 -2.32 -4.09 37.33
CA SER D 119 -3.74 -3.83 37.63
C SER D 119 -4.38 -3.12 36.43
N ALA D 120 -3.62 -2.22 35.79
CA ALA D 120 -4.06 -1.51 34.58
C ALA D 120 -4.23 -2.49 33.40
N GLY D 121 -3.43 -3.57 33.41
CA GLY D 121 -3.48 -4.60 32.38
C GLY D 121 -2.53 -4.28 31.25
N LEU D 122 -2.01 -5.33 30.60
CA LEU D 122 -1.09 -5.16 29.49
C LEU D 122 -1.79 -5.43 28.17
N GLN D 123 -1.39 -4.67 27.15
CA GLN D 123 -1.97 -4.76 25.81
C GLN D 123 -0.88 -4.98 24.80
N GLU D 124 -0.94 -6.10 24.06
CA GLU D 124 0.01 -6.37 22.99
C GLU D 124 -0.40 -5.53 21.78
N GLN D 125 0.58 -4.96 21.06
CA GLN D 125 0.33 -4.06 19.93
C GLN D 125 0.85 -4.64 18.62
N GLU D 126 0.28 -4.19 17.50
CA GLU D 126 0.67 -4.67 16.17
C GLU D 126 1.93 -4.00 15.68
N ALA D 127 3.06 -4.42 16.27
CA ALA D 127 4.41 -3.95 15.95
C ALA D 127 5.41 -4.85 16.65
N ALA D 128 6.53 -5.13 15.99
CA ALA D 128 7.56 -5.97 16.56
C ALA D 128 8.32 -5.25 17.66
N LYS D 129 8.56 -5.98 18.75
CA LYS D 129 9.35 -5.48 19.88
C LYS D 129 10.82 -5.41 19.47
N LYS D 130 11.45 -4.23 19.59
CA LYS D 130 12.84 -4.07 19.21
C LYS D 130 13.76 -4.31 20.39
N PHE D 131 14.80 -5.10 20.17
CA PHE D 131 15.80 -5.43 21.16
C PHE D 131 17.15 -4.95 20.74
N ILE D 132 18.01 -4.65 21.71
CA ILE D 132 19.40 -4.27 21.46
C ILE D 132 20.25 -5.46 21.91
N ARG D 133 20.90 -6.15 20.97
CA ARG D 133 21.75 -7.29 21.29
C ARG D 133 23.19 -6.84 21.44
N ILE D 134 23.83 -7.20 22.56
CA ILE D 134 25.23 -6.89 22.79
C ILE D 134 26.04 -7.91 21.97
N LYS D 135 26.90 -7.43 21.04
CA LYS D 135 27.75 -8.25 20.18
C LYS D 135 29.17 -8.34 20.71
N ARG D 136 29.67 -7.26 21.36
CA ARG D 136 31.02 -7.22 21.93
C ARG D 136 31.00 -6.65 23.33
N GLU D 137 32.06 -6.93 24.10
CA GLU D 137 32.21 -6.40 25.44
C GLU D 137 32.45 -4.88 25.40
N VAL D 138 31.72 -4.16 26.25
CA VAL D 138 31.83 -2.72 26.41
C VAL D 138 31.91 -2.45 27.89
N SER D 139 32.94 -1.72 28.34
CA SER D 139 33.11 -1.42 29.75
C SER D 139 33.52 0.03 29.96
N VAL D 140 33.23 0.54 31.16
CA VAL D 140 33.62 1.87 31.63
C VAL D 140 34.10 1.75 33.07
N GLU D 141 35.19 2.43 33.40
CA GLU D 141 35.73 2.43 34.76
C GLU D 141 35.96 3.84 35.23
N GLU D 142 36.01 4.00 36.55
CA GLU D 142 36.30 5.28 37.18
C GLU D 142 36.71 4.95 38.61
N GLY D 143 38.02 4.86 38.84
CA GLY D 143 38.59 4.48 40.13
C GLY D 143 38.34 3.02 40.39
N ASP D 144 37.70 2.69 41.53
CA ASP D 144 37.38 1.32 41.90
C ASP D 144 35.97 0.90 41.42
N LYS D 145 35.26 1.79 40.68
CA LYS D 145 33.91 1.52 40.17
C LYS D 145 34.00 1.01 38.74
N ARG D 146 33.13 0.06 38.35
CA ARG D 146 33.13 -0.48 36.98
C ARG D 146 31.73 -0.98 36.57
N ALA D 147 31.35 -0.71 35.32
CA ALA D 147 30.10 -1.14 34.70
C ALA D 147 30.45 -1.80 33.37
N VAL D 148 29.90 -2.99 33.08
CA VAL D 148 30.23 -3.77 31.89
C VAL D 148 29.01 -4.40 31.23
N PHE D 149 29.02 -4.41 29.89
CA PHE D 149 28.08 -5.18 29.07
C PHE D 149 28.87 -6.32 28.46
N VAL D 150 28.39 -7.56 28.57
CA VAL D 150 29.06 -8.74 28.01
C VAL D 150 28.07 -9.45 27.11
N PRO D 151 28.46 -9.98 25.93
CA PRO D 151 27.49 -10.73 25.12
C PRO D 151 26.89 -11.91 25.89
N PHE D 152 25.58 -12.09 25.81
CA PHE D 152 24.87 -13.17 26.51
C PHE D 152 23.52 -13.38 25.84
N ASP D 153 23.17 -14.64 25.51
CA ASP D 153 21.91 -14.95 24.84
C ASP D 153 20.77 -15.00 25.88
N GLY D 154 20.32 -13.81 26.26
CA GLY D 154 19.26 -13.63 27.25
C GLY D 154 19.40 -12.30 27.93
N PHE D 155 18.94 -12.22 29.19
CA PHE D 155 19.10 -11.02 29.99
C PHE D 155 19.51 -11.42 31.39
N LYS D 156 20.70 -10.95 31.82
CA LYS D 156 21.29 -11.27 33.12
C LYS D 156 21.92 -10.02 33.71
N VAL D 157 21.70 -9.77 35.00
CA VAL D 157 22.24 -8.62 35.71
C VAL D 157 22.98 -9.13 36.92
N SER D 158 24.25 -8.73 37.05
CA SER D 158 25.08 -9.07 38.21
C SER D 158 25.49 -7.78 38.88
N PHE D 159 25.61 -7.81 40.22
CA PHE D 159 26.03 -6.61 40.93
C PHE D 159 26.85 -6.95 42.14
N GLU D 160 27.90 -6.16 42.38
CA GLU D 160 28.76 -6.33 43.53
C GLU D 160 28.91 -5.00 44.25
N ILE D 161 28.63 -5.00 45.56
CA ILE D 161 28.76 -3.81 46.42
C ILE D 161 29.92 -4.00 47.37
N ASP D 162 30.36 -2.92 47.99
CA ASP D 162 31.48 -2.94 48.94
C ASP D 162 31.40 -1.69 49.85
N PHE D 163 30.36 -1.63 50.72
CA PHE D 163 30.18 -0.53 51.67
C PHE D 163 30.92 -0.85 52.96
N ASP D 164 31.60 0.15 53.56
CA ASP D 164 32.42 -0.05 54.77
C ASP D 164 31.62 0.23 56.06
N HIS D 165 30.44 -0.41 56.19
CA HIS D 165 29.57 -0.32 57.37
C HIS D 165 29.34 -1.74 57.93
N PRO D 166 29.10 -1.93 59.24
CA PRO D 166 28.93 -3.30 59.76
C PRO D 166 27.67 -4.02 59.28
N VAL D 167 26.52 -3.32 59.16
CA VAL D 167 25.27 -3.96 58.75
C VAL D 167 25.31 -4.40 57.26
N PHE D 168 26.09 -3.70 56.41
CA PHE D 168 26.25 -4.08 55.00
C PHE D 168 27.20 -5.25 54.86
N ARG D 169 28.37 -5.18 55.52
CA ARG D 169 29.39 -6.23 55.49
C ARG D 169 28.87 -7.60 55.96
N GLY D 170 27.98 -7.60 56.97
CA GLY D 170 27.36 -8.82 57.48
C GLY D 170 26.28 -9.45 56.60
N ARG D 171 25.91 -8.79 55.47
CA ARG D 171 24.90 -9.29 54.53
C ARG D 171 25.57 -9.62 53.17
N THR D 172 24.79 -10.19 52.24
CA THR D 172 25.24 -10.57 50.90
C THR D 172 25.81 -9.34 50.14
N GLN D 173 27.04 -9.47 49.60
CA GLN D 173 27.76 -8.43 48.87
C GLN D 173 27.60 -8.52 47.35
N GLN D 174 27.21 -9.69 46.84
CA GLN D 174 27.14 -9.96 45.41
C GLN D 174 25.89 -10.76 45.10
N ALA D 175 25.30 -10.51 43.93
CA ALA D 175 24.14 -11.25 43.46
C ALA D 175 24.11 -11.27 41.95
N SER D 176 23.66 -12.39 41.37
CA SER D 176 23.51 -12.60 39.94
C SER D 176 22.10 -13.06 39.68
N VAL D 177 21.37 -12.36 38.80
CA VAL D 177 20.00 -12.70 38.46
C VAL D 177 19.89 -12.93 36.96
N ASP D 178 19.54 -14.16 36.57
CA ASP D 178 19.29 -14.56 35.18
C ASP D 178 17.78 -14.56 35.05
N PHE D 179 17.21 -13.66 34.23
CA PHE D 179 15.76 -13.54 34.11
C PHE D 179 15.08 -14.67 33.29
N SER D 180 15.85 -15.62 32.71
CA SER D 180 15.24 -16.79 32.06
C SER D 180 14.74 -17.76 33.13
N SER D 181 15.41 -17.79 34.31
CA SER D 181 15.09 -18.67 35.42
C SER D 181 14.69 -17.93 36.72
N THR D 182 14.61 -16.58 36.72
CA THR D 182 14.26 -15.81 37.91
C THR D 182 13.19 -14.76 37.61
N SER D 183 12.21 -14.63 38.51
CA SER D 183 11.15 -13.66 38.39
C SER D 183 11.59 -12.29 38.89
N PHE D 184 11.51 -11.26 38.04
CA PHE D 184 11.80 -9.87 38.45
C PHE D 184 10.85 -9.45 39.57
N VAL D 185 9.55 -9.70 39.37
CA VAL D 185 8.51 -9.36 40.34
C VAL D 185 8.77 -10.00 41.71
N LYS D 186 9.02 -11.31 41.74
CA LYS D 186 9.17 -12.01 43.02
C LYS D 186 10.50 -11.77 43.73
N GLU D 187 11.62 -11.77 42.98
CA GLU D 187 12.96 -11.70 43.57
C GLU D 187 13.65 -10.34 43.51
N VAL D 188 13.18 -9.37 42.70
CA VAL D 188 13.84 -8.06 42.62
C VAL D 188 12.92 -6.89 42.97
N SER D 189 11.68 -6.84 42.40
CA SER D 189 10.79 -5.67 42.48
C SER D 189 10.55 -5.13 43.89
N ARG D 190 10.53 -5.99 44.93
CA ARG D 190 10.26 -5.56 46.30
C ARG D 190 11.51 -4.99 47.02
N ALA D 191 12.71 -4.99 46.37
CA ALA D 191 13.93 -4.48 47.01
C ALA D 191 13.86 -2.97 47.16
N ARG D 192 13.84 -2.47 48.41
CA ARG D 192 13.72 -1.04 48.66
C ARG D 192 15.05 -0.31 48.62
N THR D 193 14.98 1.00 48.40
CA THR D 193 16.16 1.87 48.42
C THR D 193 16.67 1.98 49.85
N PHE D 194 17.94 2.36 49.99
CA PHE D 194 18.56 2.44 51.29
C PHE D 194 19.46 3.66 51.42
N GLY D 195 19.72 4.04 52.66
CA GLY D 195 20.59 5.15 52.97
C GLY D 195 21.16 5.06 54.37
N PHE D 196 22.34 5.66 54.56
CA PHE D 196 23.06 5.68 55.84
C PHE D 196 22.61 6.92 56.57
N MET D 197 22.17 6.77 57.83
CA MET D 197 21.64 7.87 58.63
C MET D 197 22.58 9.08 58.70
N ARG D 198 23.90 8.86 58.83
CA ARG D 198 24.86 9.97 58.88
C ARG D 198 25.06 10.61 57.49
N ASP D 199 24.98 9.81 56.39
CA ASP D 199 25.05 10.37 55.04
C ASP D 199 23.72 11.08 54.72
N ILE D 200 22.58 10.57 55.23
CA ILE D 200 21.25 11.18 55.06
C ILE D 200 21.24 12.58 55.70
N GLU D 201 21.83 12.73 56.90
CA GLU D 201 21.92 14.01 57.60
C GLU D 201 22.72 15.03 56.77
N TYR D 202 23.77 14.57 56.07
CA TYR D 202 24.60 15.41 55.18
C TYR D 202 23.80 15.79 53.93
N LEU D 203 23.01 14.85 53.36
CA LEU D 203 22.17 15.13 52.18
C LEU D 203 21.07 16.15 52.49
N ARG D 204 20.45 16.06 53.68
CA ARG D 204 19.41 17.01 54.07
C ARG D 204 20.00 18.41 54.35
N SER D 205 21.29 18.51 54.76
CA SER D 205 21.96 19.82 54.93
C SER D 205 22.21 20.46 53.53
N GLN D 206 22.31 19.62 52.47
CA GLN D 206 22.46 20.07 51.07
C GLN D 206 21.08 20.14 50.35
N ASN D 207 19.95 20.04 51.11
CA ASN D 207 18.57 20.09 50.63
C ASN D 207 18.26 18.95 49.64
N LEU D 208 18.58 17.71 50.03
CA LEU D 208 18.29 16.46 49.30
C LEU D 208 17.60 15.48 50.28
N ALA D 209 17.02 14.38 49.77
CA ALA D 209 16.34 13.36 50.59
C ALA D 209 15.26 13.96 51.56
N LEU D 210 14.58 15.04 51.16
CA LEU D 210 13.58 15.73 52.00
C LEU D 210 12.32 14.88 52.27
N GLY D 211 11.95 14.00 51.36
CA GLY D 211 10.81 13.11 51.52
C GLY D 211 11.14 11.72 52.06
N GLY D 212 12.37 11.53 52.53
CA GLY D 212 12.83 10.24 53.03
C GLY D 212 12.29 9.89 54.41
N SER D 213 12.03 8.60 54.64
CA SER D 213 11.57 8.07 55.94
C SER D 213 11.71 6.56 55.98
N VAL D 214 11.54 5.97 57.17
CA VAL D 214 11.58 4.50 57.34
C VAL D 214 10.45 3.80 56.55
N GLU D 215 9.39 4.54 56.17
CA GLU D 215 8.25 4.00 55.41
C GLU D 215 8.51 3.95 53.89
N ASN D 216 9.61 4.54 53.40
CA ASN D 216 9.95 4.49 51.98
C ASN D 216 11.44 4.23 51.75
N ALA D 217 12.19 3.76 52.77
CA ALA D 217 13.61 3.51 52.63
C ALA D 217 14.17 2.71 53.79
N ILE D 218 15.17 1.86 53.52
CA ILE D 218 15.86 1.12 54.57
C ILE D 218 16.85 2.10 55.17
N VAL D 219 16.58 2.60 56.36
CA VAL D 219 17.48 3.57 56.99
C VAL D 219 18.43 2.80 57.89
N VAL D 220 19.72 2.97 57.65
CA VAL D 220 20.77 2.26 58.36
C VAL D 220 21.54 3.23 59.25
N ASP D 221 21.71 2.89 60.53
CA ASP D 221 22.48 3.71 61.47
C ASP D 221 23.96 3.27 61.36
N GLU D 222 24.85 3.77 62.24
CA GLU D 222 26.26 3.36 62.22
C GLU D 222 26.44 1.86 62.61
N ASN D 223 25.40 1.22 63.23
CA ASN D 223 25.46 -0.18 63.66
C ASN D 223 24.39 -1.12 63.04
N ARG D 224 23.10 -0.69 62.89
CA ARG D 224 22.05 -1.61 62.39
C ARG D 224 20.93 -0.92 61.57
N VAL D 225 19.97 -1.74 61.06
CA VAL D 225 18.79 -1.29 60.31
C VAL D 225 17.81 -0.63 61.29
N LEU D 226 17.47 0.65 61.08
CA LEU D 226 16.54 1.37 61.95
C LEU D 226 15.09 0.90 61.77
N ASN D 227 14.73 0.36 60.58
CA ASN D 227 13.38 -0.11 60.29
C ASN D 227 13.02 -1.27 61.22
N GLU D 228 11.96 -1.11 62.03
CA GLU D 228 11.54 -2.11 63.01
C GLU D 228 11.15 -3.45 62.37
N ASP D 229 10.45 -3.41 61.23
CA ASP D 229 9.97 -4.62 60.54
C ASP D 229 11.09 -5.46 59.90
N GLY D 230 12.28 -4.89 59.67
CA GLY D 230 13.40 -5.62 59.11
C GLY D 230 13.54 -5.52 57.60
N LEU D 231 14.16 -6.54 56.99
CA LEU D 231 14.40 -6.58 55.54
C LEU D 231 13.43 -7.53 54.84
N ARG D 232 13.20 -7.28 53.55
CA ARG D 232 12.31 -8.09 52.71
C ARG D 232 13.06 -9.26 52.07
N TYR D 233 14.37 -9.10 51.87
CA TYR D 233 15.28 -10.13 51.39
C TYR D 233 16.54 -10.05 52.22
N GLU D 234 17.24 -11.18 52.39
CA GLU D 234 18.53 -11.17 53.08
C GLU D 234 19.52 -10.31 52.27
N ASP D 235 19.42 -10.34 50.93
CA ASP D 235 20.29 -9.58 50.03
C ASP D 235 19.57 -8.37 49.42
N GLU D 236 18.74 -7.69 50.22
CA GLU D 236 17.96 -6.55 49.73
C GLU D 236 18.81 -5.40 49.21
N PHE D 237 19.97 -5.13 49.79
CA PHE D 237 20.79 -4.00 49.35
C PHE D 237 21.31 -4.20 47.93
N VAL D 238 21.94 -5.36 47.64
CA VAL D 238 22.48 -5.63 46.31
CA VAL D 238 22.46 -5.68 46.29
C VAL D 238 21.32 -5.80 45.30
N LYS D 239 20.19 -6.38 45.74
CA LYS D 239 19.02 -6.56 44.87
C LYS D 239 18.46 -5.21 44.47
N HIS D 240 18.51 -4.20 45.36
CA HIS D 240 18.04 -2.87 45.00
C HIS D 240 18.99 -2.22 43.99
N LYS D 241 20.31 -2.48 44.10
CA LYS D 241 21.25 -1.96 43.13
C LYS D 241 20.98 -2.59 41.75
N ILE D 242 20.54 -3.87 41.72
CA ILE D 242 20.17 -4.57 40.48
C ILE D 242 18.91 -3.90 39.91
N LEU D 243 17.94 -3.60 40.78
CA LEU D 243 16.72 -2.89 40.41
C LEU D 243 17.08 -1.55 39.75
N ASP D 244 17.92 -0.73 40.40
CA ASP D 244 18.38 0.56 39.85
C ASP D 244 19.03 0.39 38.48
N ALA D 245 19.90 -0.62 38.34
CA ALA D 245 20.59 -0.88 37.07
C ALA D 245 19.61 -1.21 35.96
N ILE D 246 18.61 -2.07 36.25
CA ILE D 246 17.60 -2.44 35.25
C ILE D 246 16.86 -1.18 34.77
N GLY D 247 16.56 -0.25 35.69
CA GLY D 247 15.89 1.00 35.38
C GLY D 247 16.75 1.90 34.52
N ASP D 248 18.01 2.08 34.94
CA ASP D 248 18.98 2.89 34.21
C ASP D 248 19.25 2.33 32.83
N LEU D 249 19.36 1.00 32.72
CA LEU D 249 19.61 0.36 31.42
C LEU D 249 18.42 0.53 30.46
N TYR D 250 17.19 0.70 31.00
CA TYR D 250 16.00 0.88 30.16
C TYR D 250 15.98 2.23 29.45
N LEU D 251 16.86 3.18 29.83
CA LEU D 251 17.01 4.44 29.14
C LEU D 251 17.67 4.26 27.76
N LEU D 252 18.14 3.03 27.42
CA LEU D 252 18.59 2.73 26.05
C LEU D 252 17.41 2.89 25.06
N GLY D 253 16.17 2.69 25.53
CA GLY D 253 14.97 2.83 24.73
C GLY D 253 14.45 1.52 24.17
N ASN D 254 15.22 0.44 24.31
CA ASN D 254 14.84 -0.90 23.85
C ASN D 254 15.40 -1.94 24.80
N SER D 255 14.71 -3.09 24.93
CA SER D 255 15.15 -4.16 25.83
C SER D 255 16.50 -4.69 25.38
N LEU D 256 17.31 -5.09 26.35
CA LEU D 256 18.67 -5.60 26.10
CA LEU D 256 18.66 -5.58 26.10
C LEU D 256 18.73 -7.10 26.00
N ILE D 257 19.59 -7.60 25.11
CA ILE D 257 19.94 -9.01 24.95
C ILE D 257 21.41 -8.98 25.29
N GLY D 258 21.73 -9.37 26.49
CA GLY D 258 23.10 -9.33 26.97
C GLY D 258 23.18 -9.39 28.47
N GLU D 259 24.37 -9.18 29.01
CA GLU D 259 24.59 -9.27 30.43
C GLU D 259 25.23 -7.99 30.94
N PHE D 260 24.74 -7.49 32.06
CA PHE D 260 25.30 -6.36 32.76
C PHE D 260 26.01 -6.84 34.01
N ARG D 261 27.18 -6.27 34.28
CA ARG D 261 27.95 -6.52 35.51
C ARG D 261 28.34 -5.18 36.11
N GLY D 262 27.89 -4.93 37.34
CA GLY D 262 28.15 -3.70 38.06
C GLY D 262 29.01 -3.95 39.28
N PHE D 263 30.09 -3.17 39.43
CA PHE D 263 31.00 -3.27 40.56
C PHE D 263 31.05 -1.91 41.21
N LYS D 264 30.33 -1.74 42.34
CA LYS D 264 30.19 -0.46 43.05
C LYS D 264 29.67 0.66 42.12
N SER D 265 28.94 0.27 41.08
CA SER D 265 28.44 1.19 40.07
C SER D 265 27.24 1.96 40.63
N GLY D 266 26.96 3.10 40.02
CA GLY D 266 25.84 3.95 40.40
C GLY D 266 25.14 4.50 39.18
N HIS D 267 24.28 5.50 39.40
CA HIS D 267 23.49 6.12 38.33
C HIS D 267 24.39 6.78 37.28
N ALA D 268 25.46 7.47 37.72
CA ALA D 268 26.36 8.19 36.80
C ALA D 268 27.12 7.25 35.88
N LEU D 269 27.77 6.24 36.46
CA LEU D 269 28.55 5.28 35.68
C LEU D 269 27.63 4.39 34.81
N ASN D 270 26.39 4.12 35.25
CA ASN D 270 25.42 3.36 34.45
C ASN D 270 25.08 4.15 33.19
N ASN D 271 24.84 5.47 33.31
CA ASN D 271 24.53 6.28 32.15
C ASN D 271 25.76 6.38 31.21
N GLN D 272 26.96 6.55 31.79
CA GLN D 272 28.19 6.59 31.01
C GLN D 272 28.37 5.29 30.20
N LEU D 273 27.99 4.12 30.78
CA LEU D 273 28.08 2.85 30.05
C LEU D 273 27.14 2.87 28.84
N LEU D 274 25.91 3.37 29.01
CA LEU D 274 24.95 3.45 27.89
C LEU D 274 25.48 4.33 26.78
N ARG D 275 26.08 5.47 27.14
CA ARG D 275 26.59 6.43 26.17
C ARG D 275 27.78 5.87 25.40
N THR D 276 28.65 5.12 26.07
CA THR D 276 29.79 4.47 25.43
C THR D 276 29.28 3.36 24.53
N LEU D 277 28.30 2.56 24.99
CA LEU D 277 27.71 1.51 24.16
C LEU D 277 27.10 2.12 22.89
N ILE D 278 26.25 3.15 23.04
CA ILE D 278 25.57 3.78 21.90
C ILE D 278 26.62 4.32 20.92
N ALA D 279 27.68 4.97 21.45
CA ALA D 279 28.78 5.48 20.63
C ALA D 279 29.50 4.34 19.87
N ASP D 280 29.64 3.15 20.48
CA ASP D 280 30.33 2.02 19.84
C ASP D 280 29.32 1.18 19.03
N LYS D 281 28.98 1.65 17.81
CA LYS D 281 27.98 1.00 16.94
C LYS D 281 28.30 -0.46 16.58
N ASP D 282 29.59 -0.85 16.52
CA ASP D 282 29.96 -2.25 16.22
C ASP D 282 29.69 -3.21 17.38
N ALA D 283 29.53 -2.72 18.60
CA ALA D 283 29.30 -3.57 19.77
C ALA D 283 27.83 -3.99 19.96
N TRP D 284 26.89 -3.51 19.11
CA TRP D 284 25.49 -3.89 19.26
C TRP D 284 24.71 -3.78 17.95
N GLU D 285 23.52 -4.38 17.93
CA GLU D 285 22.62 -4.29 16.77
C GLU D 285 21.19 -4.38 17.21
N VAL D 286 20.27 -3.76 16.44
CA VAL D 286 18.83 -3.81 16.72
C VAL D 286 18.30 -5.11 16.11
N VAL D 287 17.54 -5.91 16.87
CA VAL D 287 17.01 -7.17 16.37
C VAL D 287 15.55 -7.34 16.79
N THR D 288 14.75 -7.97 15.92
CA THR D 288 13.35 -8.31 16.18
C THR D 288 13.21 -9.81 15.98
N PHE D 289 12.20 -10.42 16.60
CA PHE D 289 11.99 -11.87 16.56
C PHE D 289 10.63 -12.21 15.99
N GLU D 290 10.62 -12.86 14.81
CA GLU D 290 9.38 -13.28 14.16
C GLU D 290 8.73 -14.47 14.85
N ASP D 291 9.53 -15.29 15.57
CA ASP D 291 9.01 -16.43 16.31
C ASP D 291 9.36 -16.23 17.79
N ALA D 292 8.34 -15.99 18.63
CA ALA D 292 8.52 -15.74 20.07
C ALA D 292 9.14 -16.96 20.80
N ARG D 293 8.93 -18.18 20.29
CA ARG D 293 9.49 -19.40 20.88
C ARG D 293 11.01 -19.52 20.62
N THR D 294 11.53 -18.86 19.56
CA THR D 294 12.93 -18.89 19.15
C THR D 294 13.78 -17.81 19.85
N ALA D 295 13.17 -16.75 20.40
CA ALA D 295 13.92 -15.66 21.03
C ALA D 295 14.59 -16.09 22.36
N PRO D 296 15.66 -15.37 22.80
CA PRO D 296 16.32 -15.73 24.07
C PRO D 296 15.68 -15.07 25.30
N ILE D 297 14.70 -14.16 25.10
CA ILE D 297 14.00 -13.47 26.20
C ILE D 297 12.50 -13.72 26.05
N SER D 298 11.86 -14.21 27.12
CA SER D 298 10.42 -14.45 27.17
C SER D 298 9.79 -13.44 28.13
N TYR D 299 8.50 -13.19 27.97
CA TYR D 299 7.76 -12.26 28.81
C TYR D 299 6.51 -12.90 29.37
N MET D 300 6.02 -12.35 30.50
CA MET D 300 4.80 -12.83 31.13
C MET D 300 3.62 -12.51 30.23
N ARG D 301 2.62 -13.40 30.16
CA ARG D 301 1.44 -13.18 29.31
C ARG D 301 0.77 -11.82 29.58
N PRO D 302 0.12 -11.19 28.57
CA PRO D 302 -0.50 -9.89 28.82
C PRO D 302 -1.74 -9.97 29.71
ZN ZN E . -2.92 21.09 -0.30
O01 3P3 F . -2.27 19.31 -1.04
C02 3P3 F . -1.17 19.27 -1.57
N03 3P3 F . -0.15 20.18 -1.18
O04 3P3 F . -0.66 21.29 -0.60
C05 3P3 F . -0.76 18.29 -2.65
N06 3P3 F . -0.83 16.97 -2.02
C07 3P3 F . 0.15 15.95 -2.02
O08 3P3 F . 1.25 16.20 -2.52
C09 3P3 F . -0.17 14.61 -1.41
C10 3P3 F . -1.48 14.31 -0.97
C11 3P3 F . -1.75 13.07 -0.37
C12 3P3 F . -0.72 12.12 -0.23
C13 3P3 F . 0.58 12.42 -0.67
C14 3P3 F . 0.86 13.66 -1.26
C15 3P3 F . -0.97 10.83 0.27
C16 3P3 F . -1.35 9.79 0.69
C17 3P3 F . -1.69 8.55 1.14
C18 3P3 F . -1.93 7.42 1.39
C19 3P3 F . -2.21 6.06 1.64
C20 3P3 F . -1.15 5.14 1.78
C21 3P3 F . -1.44 3.77 1.89
C22 3P3 F . -2.78 3.32 1.88
C23 3P3 F . -3.84 4.24 1.77
C24 3P3 F . -3.56 5.61 1.66
C25 3P3 F . -1.73 18.55 -3.86
C26 3P3 F . -1.11 19.57 -4.84
O27 3P3 F . -1.96 17.33 -4.49
ZN ZN G . 12.26 -16.05 -6.45
O01 3P3 H . 12.04 -14.19 -5.89
C02 3P3 H . 12.47 -13.25 -6.54
N03 3P3 H . 12.80 -13.43 -7.90
O04 3P3 H . 12.80 -14.72 -8.24
C05 3P3 H . 12.73 -11.87 -5.97
N06 3P3 H . 11.40 -11.29 -5.67
C07 3P3 H . 10.94 -9.98 -5.97
O08 3P3 H . 11.67 -9.24 -6.64
C09 3P3 H . 9.62 -9.53 -5.46
C10 3P3 H . 8.93 -10.27 -4.48
C11 3P3 H . 7.69 -9.83 -4.00
C12 3P3 H . 7.14 -8.64 -4.51
C13 3P3 H . 7.82 -7.89 -5.51
C14 3P3 H . 9.05 -8.34 -5.98
C15 3P3 H . 5.96 -8.10 -3.98
C16 3P3 H . 4.97 -7.78 -3.41
C17 3P3 H . 3.85 -7.32 -2.81
C18 3P3 H . 2.94 -6.78 -2.28
C19 3P3 H . 1.88 -6.14 -1.62
C20 3P3 H . 1.32 -4.97 -2.18
C21 3P3 H . 0.32 -4.28 -1.47
C22 3P3 H . -0.15 -4.77 -0.23
C23 3P3 H . 0.40 -5.95 0.31
C24 3P3 H . 1.41 -6.64 -0.38
C25 3P3 H . 13.70 -12.07 -4.76
C26 3P3 H . 15.16 -12.02 -5.23
O27 3P3 H . 13.43 -11.03 -3.86
C1 GOL I . 20.22 -29.87 -10.26
O1 GOL I . 21.23 -30.88 -10.57
C2 GOL I . 20.14 -28.77 -11.31
O2 GOL I . 21.40 -28.54 -11.91
C3 GOL I . 19.84 -27.44 -10.62
O3 GOL I . 19.37 -26.52 -11.58
ZN ZN J . -30.93 -10.11 -34.15
O01 3P3 K . -31.55 -10.91 -36.07
C02 3P3 K . -30.65 -10.98 -36.88
N03 3P3 K . -29.30 -11.07 -36.44
O04 3P3 K . -29.13 -10.59 -35.20
C05 3P3 K . -30.85 -10.96 -38.40
N06 3P3 K . -31.68 -12.13 -38.80
C07 3P3 K . -31.28 -13.25 -39.58
O08 3P3 K . -30.19 -13.21 -40.14
C09 3P3 K . -32.19 -14.43 -39.71
C10 3P3 K . -33.21 -14.65 -38.75
C11 3P3 K . -34.07 -15.75 -38.87
C12 3P3 K . -33.90 -16.65 -39.97
C13 3P3 K . -32.88 -16.45 -40.91
C14 3P3 K . -32.02 -15.34 -40.79
C15 3P3 K . -34.75 -17.75 -40.11
C16 3P3 K . -35.51 -18.67 -40.13
C17 3P3 K . -36.33 -19.72 -40.36
C18 3P3 K . -37.03 -20.60 -40.76
C19 3P3 K . -37.82 -21.65 -41.28
C20 3P3 K . -37.25 -22.51 -42.25
C21 3P3 K . -38.04 -23.54 -42.81
C22 3P3 K . -39.39 -23.71 -42.39
C23 3P3 K . -39.94 -22.86 -41.42
C24 3P3 K . -39.16 -21.82 -40.85
C25 3P3 K . -31.41 -9.54 -38.77
C26 3P3 K . -30.50 -8.83 -39.76
O27 3P3 K . -32.68 -9.75 -39.31
C1 GOL L . -25.21 0.56 -23.18
C1 GOL L . -25.29 1.17 -22.88
O1 GOL L . -24.98 0.16 -21.82
O1 GOL L . -24.95 2.57 -22.98
C2 GOL L . -24.25 -0.18 -24.12
C2 GOL L . -24.49 0.22 -23.79
O2 GOL L . -23.27 0.73 -24.65
O2 GOL L . -23.40 0.84 -24.51
C3 GOL L . -25.05 -0.77 -25.27
C3 GOL L . -25.43 -0.45 -24.81
O3 GOL L . -24.18 -1.48 -26.14
O3 GOL L . -24.71 -1.27 -25.74
C ACT M . -13.73 -20.04 -18.06
O ACT M . -13.06 -20.36 -19.02
OXT ACT M . -14.92 -20.24 -18.07
CH3 ACT M . -13.07 -19.38 -16.85
ZN ZN N . 17.11 2.98 43.76
O01 3P3 O . 17.93 4.02 45.34
C02 3P3 O . 18.71 4.91 45.06
N03 3P3 O . 18.57 5.62 43.81
O04 3P3 O . 17.95 4.86 42.89
C05 3P3 O . 19.89 5.35 45.93
N06 3P3 O . 19.36 5.82 47.22
C07 3P3 O . 19.47 7.13 47.75
O08 3P3 O . 20.16 7.95 47.15
C09 3P3 O . 18.75 7.47 49.03
C10 3P3 O . 17.75 6.59 49.52
C11 3P3 O . 17.09 6.89 50.73
C12 3P3 O . 17.42 8.08 51.42
C13 3P3 O . 18.41 8.97 50.93
C14 3P3 O . 19.08 8.66 49.73
C15 3P3 O . 16.77 8.39 52.63
C16 3P3 O . 16.14 8.59 53.61
C17 3P3 O . 15.63 8.91 54.83
C18 3P3 O . 15.36 9.27 55.93
C19 3P3 O . 15.08 9.74 57.23
C20 3P3 O . 15.43 11.07 57.58
C21 3P3 O . 15.17 11.54 58.89
C22 3P3 O . 14.57 10.69 59.84
C23 3P3 O . 14.21 9.36 59.48
C24 3P3 O . 14.47 8.89 58.18
C25 3P3 O . 20.91 4.16 46.02
C26 3P3 O . 22.26 4.55 45.44
O27 3P3 O . 21.02 3.82 47.37
C1 GOL P . 15.89 -5.77 29.68
O1 GOL P . 14.51 -6.19 29.67
C2 GOL P . 15.93 -4.25 29.78
O2 GOL P . 16.91 -3.78 28.85
C3 GOL P . 16.38 -3.85 31.18
O3 GOL P . 16.59 -2.45 31.26
#